data_4UJ6
#
_entry.id   4UJ6
#
_cell.length_a   57.230
_cell.length_b   98.280
_cell.length_c   109.260
_cell.angle_alpha   90.00
_cell.angle_beta   94.56
_cell.angle_gamma   90.00
#
_symmetry.space_group_name_H-M   'P 1 21 1'
#
loop_
_entity.id
_entity.type
_entity.pdbx_description
1 polymer 'SURFACE LAYER PROTEIN'
2 water water
#
_entity_poly.entity_id   1
_entity_poly.type   'polypeptide(L)'
_entity_poly.pdbx_seq_one_letter_code
;ATDVATVVSQAKAQMKEAYYTYSHTVTETGQFPDIKDVYAAYNKAKQAYANAVAVVNKAGGAKKDAYLADLQAIYETYVF
KANPKSGEARVATYIDAYNYATKLDKMRQELKAAVDAKDLKKAEELYHKISYELKTRTVILDRVYGQSTRELLRSTFKAD
AQALRDRLIYDITVAMKAREAQDAVKAGNLDKAKAALDQVNQYVSKVTDAFKAELQKAAQDAKAAYEAALTPKVESVSAI
DSTSFKVTFTKPVDKATAIPKNFSITLKGTETKLYPKSVEVSESGLTATVTLYDTLVDGKTYTVVTSGLKDTAGKEFETS
TNEFTYNKPVPASITFNFNKLPEDSAVDLTKYVTVKDAAGNVIKSGFELEFTSSEKLTQGKFINTTGKKSVIVNATVKGT
NVTTGNVILAVEDEKAAEVSELKLTKDNKEVVTLYANGNAFDKDGNQISSGTLTLTAKFKDQYGNELTGKVAGTDYTFES
LNPEVLVVAPDGSVTPIVPGTALVKVKYGEVTKTIPVTVKANPVLETIAVDSTGVSVAKGQKATFKVTLKDQYGNKFTGN
VNVTSDKTETATVSVSNSGIGQSEYTVTVNGVAEGSTTITIKSGTKEVKVPVNVVAGGPVANYQIKVLDDGKIDKSATES
PANNDVQLKVYAVDANGNIVGDITNDVTITSEATDTNGVIVNASKSTANGDTVYVITDNGSKKVGKETLTVKLGTVTLGT
VDVEVIDTTLKATVVTKKADLIELDAADNGDALAKLLANL
;
_entity_poly.pdbx_strand_id   A
#
# COMPACT_ATOMS: atom_id res chain seq x y z
N ALA A 1 37.06 30.56 -57.97
CA ALA A 1 35.67 30.67 -57.43
C ALA A 1 34.74 29.62 -58.04
N THR A 2 34.64 29.63 -59.36
CA THR A 2 33.76 28.70 -60.08
C THR A 2 34.40 27.31 -60.20
N ASP A 3 35.71 27.27 -60.41
CA ASP A 3 36.40 26.03 -60.79
C ASP A 3 36.35 24.96 -59.69
N VAL A 4 36.25 23.70 -60.12
CA VAL A 4 35.96 22.59 -59.21
C VAL A 4 36.95 22.54 -58.05
N ALA A 5 38.25 22.61 -58.35
CA ALA A 5 39.30 22.57 -57.32
C ALA A 5 38.99 23.51 -56.15
N THR A 6 38.64 24.75 -56.47
CA THR A 6 38.29 25.74 -55.46
C THR A 6 37.01 25.39 -54.72
N VAL A 7 36.04 24.82 -55.43
CA VAL A 7 34.79 24.42 -54.80
C VAL A 7 35.02 23.26 -53.85
N VAL A 8 35.90 22.33 -54.22
CA VAL A 8 36.17 21.15 -53.38
C VAL A 8 37.08 21.47 -52.18
N SER A 9 38.07 22.32 -52.40
CA SER A 9 38.88 22.82 -51.29
C SER A 9 37.99 23.37 -50.18
N GLN A 10 37.07 24.24 -50.57
CA GLN A 10 36.18 24.93 -49.64
C GLN A 10 35.09 24.03 -49.04
N ALA A 11 34.58 23.11 -49.84
CA ALA A 11 33.64 22.13 -49.33
C ALA A 11 34.30 21.28 -48.28
N LYS A 12 35.55 20.89 -48.55
CA LYS A 12 36.33 20.12 -47.60
C LYS A 12 36.51 20.90 -46.29
N ALA A 13 37.09 22.10 -46.40
CA ALA A 13 37.41 22.92 -45.24
C ALA A 13 36.19 23.21 -44.39
N GLN A 14 35.05 23.35 -45.04
CA GLN A 14 33.79 23.67 -44.38
C GLN A 14 33.27 22.50 -43.56
N MET A 15 33.31 21.30 -44.11
CA MET A 15 32.86 20.14 -43.38
C MET A 15 33.70 19.92 -42.13
N LYS A 16 35.00 20.16 -42.23
CA LYS A 16 35.88 20.06 -41.07
C LYS A 16 35.55 21.16 -40.06
N GLU A 17 35.32 22.37 -40.56
CA GLU A 17 34.95 23.51 -39.72
C GLU A 17 33.73 23.23 -38.82
N ALA A 18 32.78 22.45 -39.31
CA ALA A 18 31.63 22.05 -38.50
C ALA A 18 32.05 21.25 -37.27
N TYR A 19 33.10 20.44 -37.43
CA TYR A 19 33.60 19.59 -36.35
C TYR A 19 34.45 20.38 -35.36
N TYR A 20 35.26 21.31 -35.88
CA TYR A 20 36.08 22.16 -35.01
C TYR A 20 35.23 23.07 -34.14
N THR A 21 34.04 23.44 -34.63
CA THR A 21 33.04 24.19 -33.84
C THR A 21 32.91 23.66 -32.42
N TYR A 22 32.74 22.35 -32.27
CA TYR A 22 32.59 21.79 -30.94
C TYR A 22 33.91 21.35 -30.33
N SER A 23 34.79 20.74 -31.12
CA SER A 23 35.98 20.11 -30.54
C SER A 23 37.04 21.11 -30.07
N HIS A 24 37.06 22.31 -30.64
CA HIS A 24 38.03 23.32 -30.21
C HIS A 24 37.52 24.13 -29.02
N THR A 25 36.21 24.30 -28.93
CA THR A 25 35.60 24.90 -27.74
C THR A 25 35.90 24.02 -26.53
N VAL A 26 35.55 22.74 -26.64
CA VAL A 26 35.64 21.82 -25.51
C VAL A 26 37.07 21.67 -25.03
N THR A 27 37.97 21.53 -26.00
CA THR A 27 39.39 21.32 -25.72
C THR A 27 40.04 22.56 -25.10
N GLU A 28 39.79 23.72 -25.68
CA GLU A 28 40.50 24.94 -25.29
C GLU A 28 39.87 25.70 -24.11
N THR A 29 38.55 25.66 -23.96
CA THR A 29 37.86 26.44 -22.91
C THR A 29 37.13 25.59 -21.88
N GLY A 30 36.99 24.29 -22.15
CA GLY A 30 36.23 23.42 -21.26
C GLY A 30 34.73 23.66 -21.25
N GLN A 31 34.22 24.32 -22.29
CA GLN A 31 32.81 24.64 -22.42
C GLN A 31 32.22 24.00 -23.67
N PHE A 32 30.91 23.85 -23.68
CA PHE A 32 30.20 23.47 -24.89
C PHE A 32 29.88 24.72 -25.69
N PRO A 33 29.81 24.60 -27.02
CA PRO A 33 29.30 25.70 -27.83
C PRO A 33 27.77 25.79 -27.80
N ASP A 34 27.25 26.93 -28.24
CA ASP A 34 25.81 27.12 -28.40
C ASP A 34 25.39 26.08 -29.41
N ILE A 35 24.44 25.23 -29.03
CA ILE A 35 23.96 24.18 -29.91
C ILE A 35 23.36 24.76 -31.20
N LYS A 36 22.85 25.98 -31.15
CA LYS A 36 22.41 26.68 -32.37
C LYS A 36 23.55 26.81 -33.36
N ASP A 37 24.72 27.25 -32.87
CA ASP A 37 25.91 27.43 -33.71
C ASP A 37 26.38 26.11 -34.32
N VAL A 38 26.22 25.01 -33.59
CA VAL A 38 26.55 23.70 -34.14
C VAL A 38 25.59 23.31 -35.25
N TYR A 39 24.28 23.44 -35.02
CA TYR A 39 23.25 23.15 -36.04
C TYR A 39 23.40 24.02 -37.27
N ALA A 40 23.76 25.28 -37.05
CA ALA A 40 24.01 26.21 -38.15
C ALA A 40 25.13 25.68 -39.00
N ALA A 41 26.22 25.30 -38.34
CA ALA A 41 27.44 24.80 -39.00
C ALA A 41 27.26 23.41 -39.60
N TYR A 42 26.38 22.59 -39.02
CA TYR A 42 26.08 21.27 -39.54
C TYR A 42 25.31 21.36 -40.84
N ASN A 43 24.30 22.22 -40.88
CA ASN A 43 23.50 22.37 -42.08
C ASN A 43 24.27 23.05 -43.20
N LYS A 44 25.18 23.95 -42.84
CA LYS A 44 26.00 24.61 -43.84
C LYS A 44 26.96 23.61 -44.48
N ALA A 45 27.39 22.63 -43.68
CA ALA A 45 28.24 21.54 -44.17
C ALA A 45 27.51 20.69 -45.19
N LYS A 46 26.38 20.11 -44.77
CA LYS A 46 25.59 19.21 -45.62
C LYS A 46 25.27 19.80 -46.99
N GLN A 47 25.13 21.13 -47.04
CA GLN A 47 24.97 21.83 -48.31
C GLN A 47 26.28 21.87 -49.08
N ALA A 48 27.30 22.48 -48.47
CA ALA A 48 28.61 22.63 -49.11
C ALA A 48 29.06 21.35 -49.79
N TYR A 49 28.88 20.22 -49.11
CA TYR A 49 29.11 18.90 -49.67
C TYR A 49 28.25 18.68 -50.90
N ALA A 50 26.93 18.76 -50.71
CA ALA A 50 25.98 18.46 -51.78
C ALA A 50 26.15 19.38 -53.01
N ASN A 51 26.48 20.65 -52.78
CA ASN A 51 26.81 21.54 -53.89
C ASN A 51 28.02 21.02 -54.64
N ALA A 52 29.07 20.65 -53.91
CA ALA A 52 30.30 20.18 -54.53
C ALA A 52 30.06 18.91 -55.33
N VAL A 53 29.36 17.92 -54.78
CA VAL A 53 29.07 16.69 -55.54
C VAL A 53 28.45 17.03 -56.89
N ALA A 54 27.42 17.88 -56.86
CA ALA A 54 26.78 18.38 -58.07
C ALA A 54 27.76 19.09 -59.00
N VAL A 55 28.59 19.96 -58.44
CA VAL A 55 29.59 20.68 -59.24
C VAL A 55 30.61 19.71 -59.85
N VAL A 56 30.94 18.65 -59.14
CA VAL A 56 31.95 17.70 -59.58
C VAL A 56 31.42 16.79 -60.69
N ASN A 57 30.24 16.20 -60.49
CA ASN A 57 29.63 15.38 -61.55
C ASN A 57 29.41 16.17 -62.84
N LYS A 58 29.02 17.44 -62.72
CA LYS A 58 28.78 18.30 -63.87
C LYS A 58 30.05 18.60 -64.68
N ALA A 59 31.22 18.48 -64.06
CA ALA A 59 32.49 18.70 -64.76
C ALA A 59 33.05 17.41 -65.40
N GLY A 60 32.76 16.25 -64.79
CA GLY A 60 33.23 14.96 -65.32
C GLY A 60 34.75 14.80 -65.32
N GLY A 61 35.24 13.75 -65.97
CA GLY A 61 36.67 13.55 -66.14
C GLY A 61 37.22 12.41 -65.31
N ALA A 62 38.54 12.25 -65.33
CA ALA A 62 39.24 11.25 -64.53
C ALA A 62 39.39 11.76 -63.10
N LYS A 63 39.51 13.08 -62.95
CA LYS A 63 39.54 13.70 -61.63
C LYS A 63 38.24 13.52 -60.83
N LYS A 64 37.14 13.30 -61.53
CA LYS A 64 35.82 13.14 -60.91
C LYS A 64 35.82 12.15 -59.73
N ASP A 65 36.14 10.88 -59.98
CA ASP A 65 35.98 9.85 -58.92
C ASP A 65 36.96 10.00 -57.74
N ALA A 66 38.09 10.66 -57.95
CA ALA A 66 39.03 10.95 -56.86
C ALA A 66 38.41 11.99 -55.95
N TYR A 67 38.07 13.15 -56.52
CA TYR A 67 37.26 14.17 -55.86
C TYR A 67 36.06 13.60 -55.08
N LEU A 68 35.18 12.88 -55.76
CA LEU A 68 33.96 12.36 -55.13
C LEU A 68 34.24 11.40 -53.97
N ALA A 69 35.29 10.59 -54.11
CA ALA A 69 35.65 9.63 -53.07
C ALA A 69 36.23 10.34 -51.84
N ASP A 70 37.03 11.38 -52.10
CA ASP A 70 37.61 12.18 -51.02
C ASP A 70 36.48 12.94 -50.31
N LEU A 71 35.81 13.85 -51.03
CA LEU A 71 34.65 14.56 -50.50
C LEU A 71 33.78 13.69 -49.60
N GLN A 72 33.39 12.52 -50.11
CA GLN A 72 32.56 11.60 -49.33
C GLN A 72 33.23 11.14 -48.05
N ALA A 73 34.53 10.85 -48.12
CA ALA A 73 35.28 10.37 -46.95
C ALA A 73 35.30 11.39 -45.82
N ILE A 74 35.50 12.66 -46.17
CA ILE A 74 35.44 13.74 -45.19
C ILE A 74 34.03 13.86 -44.62
N TYR A 75 33.05 14.00 -45.51
CA TYR A 75 31.64 14.05 -45.13
C TYR A 75 31.24 12.92 -44.19
N GLU A 76 31.63 11.69 -44.53
CA GLU A 76 31.25 10.53 -43.74
C GLU A 76 31.99 10.46 -42.40
N THR A 77 33.15 11.07 -42.32
CA THR A 77 33.92 11.06 -41.07
C THR A 77 33.50 12.20 -40.15
N TYR A 78 33.58 13.42 -40.65
CA TYR A 78 33.36 14.60 -39.84
C TYR A 78 31.91 15.00 -39.57
N VAL A 79 30.98 14.79 -40.51
CA VAL A 79 29.60 15.25 -40.30
C VAL A 79 28.58 14.14 -40.11
N PHE A 80 28.37 13.27 -41.09
CA PHE A 80 27.24 12.33 -41.04
C PHE A 80 27.47 11.03 -41.80
N LYS A 81 27.07 9.92 -41.17
CA LYS A 81 27.10 8.64 -41.82
C LYS A 81 26.16 7.71 -41.07
N ALA A 82 25.19 7.14 -41.79
CA ALA A 82 24.21 6.23 -41.19
C ALA A 82 24.91 5.04 -40.56
N ASN A 83 24.61 4.78 -39.29
CA ASN A 83 25.26 3.72 -38.51
C ASN A 83 26.78 3.86 -38.55
N PRO A 84 27.33 4.72 -37.68
CA PRO A 84 28.72 5.10 -37.75
C PRO A 84 29.60 4.20 -36.92
N LYS A 85 30.84 4.01 -37.34
CA LYS A 85 31.88 3.47 -36.48
C LYS A 85 32.39 4.60 -35.61
N SER A 86 33.00 4.26 -34.47
CA SER A 86 33.56 5.26 -33.59
C SER A 86 34.63 6.07 -34.33
N GLY A 87 34.59 7.39 -34.18
CA GLY A 87 35.46 8.28 -34.93
C GLY A 87 34.80 8.90 -36.15
N GLU A 88 33.61 8.40 -36.50
CA GLU A 88 32.87 8.87 -37.68
C GLU A 88 31.61 9.66 -37.29
N ALA A 89 31.07 10.41 -38.25
CA ALA A 89 29.88 11.22 -38.05
C ALA A 89 30.00 12.05 -36.76
N ARG A 90 31.05 12.86 -36.70
CA ARG A 90 31.44 13.48 -35.45
C ARG A 90 30.39 14.48 -35.02
N VAL A 91 30.01 15.37 -35.93
CA VAL A 91 29.12 16.48 -35.58
C VAL A 91 27.72 15.95 -35.31
N ALA A 92 27.27 15.03 -36.16
CA ALA A 92 25.96 14.42 -35.99
C ALA A 92 25.83 13.74 -34.63
N THR A 93 26.83 12.97 -34.24
CA THR A 93 26.75 12.23 -32.99
C THR A 93 26.88 13.14 -31.76
N TYR A 94 27.53 14.29 -31.94
CA TYR A 94 27.66 15.26 -30.86
C TYR A 94 26.33 15.93 -30.67
N ILE A 95 25.66 16.26 -31.77
CA ILE A 95 24.32 16.85 -31.68
C ILE A 95 23.42 15.89 -30.93
N ASP A 96 23.27 14.67 -31.44
CA ASP A 96 22.51 13.62 -30.74
C ASP A 96 22.88 13.50 -29.27
N ALA A 97 24.17 13.50 -28.98
CA ALA A 97 24.63 13.36 -27.61
C ALA A 97 24.29 14.57 -26.74
N TYR A 98 24.42 15.77 -27.30
CA TYR A 98 24.14 16.99 -26.54
C TYR A 98 22.64 17.16 -26.28
N ASN A 99 21.83 16.74 -27.23
CA ASN A 99 20.37 16.71 -27.04
C ASN A 99 19.97 15.64 -26.05
N TYR A 100 20.61 14.49 -26.13
CA TYR A 100 20.36 13.42 -25.18
C TYR A 100 20.72 13.87 -23.78
N ALA A 101 21.86 14.54 -23.64
CA ALA A 101 22.38 14.93 -22.33
C ALA A 101 21.54 16.02 -21.68
N THR A 102 20.92 16.88 -22.47
CA THR A 102 20.08 17.94 -21.91
C THR A 102 18.73 17.41 -21.45
N LYS A 103 18.22 16.36 -22.08
CA LYS A 103 16.99 15.72 -21.62
C LYS A 103 17.17 15.11 -20.24
N LEU A 104 18.31 14.45 -20.00
CA LEU A 104 18.57 13.92 -18.67
C LEU A 104 18.48 15.00 -17.61
N ASP A 105 19.29 16.05 -17.74
CA ASP A 105 19.27 17.18 -16.80
C ASP A 105 17.83 17.64 -16.58
N LYS A 106 17.04 17.72 -17.65
CA LYS A 106 15.66 18.15 -17.52
C LYS A 106 14.86 17.14 -16.70
N MET A 107 14.79 15.90 -17.16
CA MET A 107 14.09 14.83 -16.42
C MET A 107 14.56 14.77 -14.97
N ARG A 108 15.85 14.93 -14.74
CA ARG A 108 16.40 14.88 -13.37
C ARG A 108 15.84 16.00 -12.49
N GLN A 109 15.45 17.11 -13.08
CA GLN A 109 14.78 18.19 -12.34
C GLN A 109 13.31 17.87 -12.13
N GLU A 110 12.63 17.41 -13.18
CA GLU A 110 11.24 16.97 -13.06
C GLU A 110 11.11 15.91 -11.96
N LEU A 111 12.10 15.02 -11.88
CA LEU A 111 12.15 13.99 -10.84
C LEU A 111 12.38 14.60 -9.47
N LYS A 112 13.28 15.57 -9.39
CA LYS A 112 13.50 16.27 -8.13
C LYS A 112 12.29 17.13 -7.76
N ALA A 113 11.49 17.52 -8.76
CA ALA A 113 10.23 18.23 -8.51
C ALA A 113 9.27 17.37 -7.72
N ALA A 114 9.12 16.11 -8.16
CA ALA A 114 8.19 15.17 -7.53
C ALA A 114 8.60 14.75 -6.11
N VAL A 115 9.88 14.45 -5.88
CA VAL A 115 10.36 14.11 -4.52
C VAL A 115 10.10 15.24 -3.51
N ASP A 116 10.16 16.49 -3.97
CA ASP A 116 9.90 17.66 -3.12
C ASP A 116 8.42 17.78 -2.82
N ALA A 117 7.62 17.89 -3.87
CA ALA A 117 6.15 17.93 -3.75
C ALA A 117 5.56 16.58 -3.29
N LYS A 118 6.41 15.55 -3.23
CA LYS A 118 6.05 14.23 -2.69
C LYS A 118 4.90 13.52 -3.41
N ASP A 119 4.92 13.56 -4.74
CA ASP A 119 4.01 12.78 -5.55
C ASP A 119 4.73 11.49 -5.95
N LEU A 120 4.30 10.36 -5.38
CA LEU A 120 4.98 9.07 -5.56
C LEU A 120 4.65 8.41 -6.90
N LYS A 121 3.40 8.61 -7.36
CA LYS A 121 2.97 8.06 -8.64
C LYS A 121 3.74 8.67 -9.81
N LYS A 122 4.13 9.94 -9.66
CA LYS A 122 4.90 10.65 -10.68
C LYS A 122 6.41 10.41 -10.55
N ALA A 123 6.90 10.35 -9.32
CA ALA A 123 8.33 10.07 -9.08
C ALA A 123 8.72 8.68 -9.61
N GLU A 124 7.79 7.74 -9.57
CA GLU A 124 8.01 6.41 -10.11
C GLU A 124 8.03 6.44 -11.64
N GLU A 125 7.04 7.13 -12.21
CA GLU A 125 6.90 7.30 -13.66
C GLU A 125 8.19 7.84 -14.30
N LEU A 126 8.77 8.87 -13.67
CA LEU A 126 9.98 9.50 -14.18
C LEU A 126 11.24 8.72 -13.80
N TYR A 127 11.18 7.92 -12.74
CA TYR A 127 12.27 7.02 -12.39
C TYR A 127 12.47 5.99 -13.49
N HIS A 128 11.37 5.49 -14.02
CA HIS A 128 11.42 4.51 -15.11
C HIS A 128 11.95 5.12 -16.40
N LYS A 129 11.50 6.33 -16.71
CA LYS A 129 11.94 7.04 -17.92
C LYS A 129 13.43 7.30 -17.88
N ILE A 130 13.89 7.88 -16.76
CA ILE A 130 15.33 8.10 -16.55
C ILE A 130 16.17 6.81 -16.57
N SER A 131 15.69 5.77 -15.88
CA SER A 131 16.46 4.53 -15.77
C SER A 131 16.61 3.83 -17.12
N TYR A 132 15.68 4.10 -18.04
CA TYR A 132 15.78 3.60 -19.41
C TYR A 132 16.84 4.38 -20.21
N GLU A 133 16.77 5.70 -20.15
CA GLU A 133 17.75 6.55 -20.83
C GLU A 133 19.15 6.28 -20.33
N LEU A 134 19.29 6.16 -19.00
CA LEU A 134 20.58 5.93 -18.35
C LEU A 134 21.21 4.58 -18.66
N LYS A 135 20.39 3.57 -18.96
CA LYS A 135 20.90 2.22 -19.22
C LYS A 135 21.01 1.96 -20.72
N THR A 136 19.88 2.03 -21.41
CA THR A 136 19.82 1.71 -22.83
C THR A 136 20.51 2.75 -23.71
N ARG A 137 20.16 4.02 -23.51
CA ARG A 137 20.53 5.07 -24.46
C ARG A 137 21.85 5.81 -24.19
N THR A 138 22.69 5.29 -23.29
CA THR A 138 24.05 5.86 -23.15
C THR A 138 24.92 5.47 -24.33
N VAL A 139 24.41 4.57 -25.16
CA VAL A 139 25.00 4.26 -26.45
C VAL A 139 25.24 5.56 -27.23
N ILE A 140 24.26 6.45 -27.21
CA ILE A 140 24.35 7.75 -27.90
C ILE A 140 25.58 8.52 -27.43
N LEU A 141 25.86 8.40 -26.14
CA LEU A 141 26.95 9.13 -25.52
C LEU A 141 28.32 8.55 -25.87
N ASP A 142 28.38 7.25 -26.14
CA ASP A 142 29.65 6.57 -26.42
C ASP A 142 30.11 6.76 -27.86
N ARG A 143 29.20 7.15 -28.74
CA ARG A 143 29.54 7.46 -30.13
C ARG A 143 30.40 8.72 -30.31
N VAL A 144 30.39 9.59 -29.30
CA VAL A 144 31.00 10.92 -29.43
C VAL A 144 32.52 10.83 -29.52
N TYR A 145 33.08 11.48 -30.52
CA TYR A 145 34.53 11.50 -30.72
C TYR A 145 35.14 12.65 -29.94
N GLY A 146 35.96 12.30 -28.96
CA GLY A 146 36.57 13.28 -28.07
C GLY A 146 36.32 12.85 -26.64
N GLN A 147 37.27 12.13 -26.07
CA GLN A 147 37.16 11.70 -24.67
C GLN A 147 36.95 12.92 -23.74
N SER A 148 37.62 14.02 -24.06
CA SER A 148 37.40 15.28 -23.36
C SER A 148 35.92 15.67 -23.40
N THR A 149 35.35 15.64 -24.61
CA THR A 149 33.92 15.93 -24.82
C THR A 149 33.04 14.89 -24.13
N ARG A 150 33.38 13.62 -24.29
CA ARG A 150 32.59 12.53 -23.71
C ARG A 150 32.50 12.67 -22.19
N GLU A 151 33.60 13.01 -21.54
CA GLU A 151 33.60 13.22 -20.09
C GLU A 151 32.77 14.42 -19.68
N LEU A 152 32.95 15.52 -20.39
CA LEU A 152 32.25 16.76 -20.04
C LEU A 152 30.73 16.58 -20.11
N LEU A 153 30.25 15.79 -21.05
CA LEU A 153 28.82 15.46 -21.13
C LEU A 153 28.41 14.64 -19.92
N ARG A 154 29.25 13.66 -19.54
CA ARG A 154 28.97 12.78 -18.40
C ARG A 154 28.98 13.50 -17.06
N SER A 155 29.95 14.38 -16.84
CA SER A 155 30.03 15.13 -15.59
C SER A 155 28.95 16.19 -15.49
N THR A 156 28.72 16.90 -16.59
CA THR A 156 27.85 18.07 -16.60
C THR A 156 26.36 17.72 -16.61
N PHE A 157 26.00 16.57 -17.15
CA PHE A 157 24.59 16.22 -17.32
C PHE A 157 24.18 14.84 -16.80
N LYS A 158 25.07 13.86 -16.87
CA LYS A 158 24.72 12.49 -16.47
C LYS A 158 24.95 12.20 -14.99
N ALA A 159 26.09 12.66 -14.46
CA ALA A 159 26.53 12.30 -13.10
C ALA A 159 25.47 12.49 -12.03
N ASP A 160 24.78 13.61 -12.07
CA ASP A 160 23.75 13.93 -11.07
C ASP A 160 22.39 13.32 -11.41
N ALA A 161 22.21 12.92 -12.66
CA ALA A 161 21.04 12.15 -13.06
C ALA A 161 21.12 10.74 -12.47
N GLN A 162 22.30 10.14 -12.56
CA GLN A 162 22.60 8.88 -11.86
C GLN A 162 22.34 9.03 -10.37
N ALA A 163 23.19 9.82 -9.70
CA ALA A 163 23.11 10.02 -8.26
C ALA A 163 21.67 10.03 -7.74
N LEU A 164 20.84 10.88 -8.34
CA LEU A 164 19.45 11.06 -7.90
C LEU A 164 18.62 9.81 -8.11
N ARG A 165 18.83 9.12 -9.22
CA ARG A 165 18.13 7.86 -9.49
C ARG A 165 18.57 6.75 -8.52
N ASP A 166 19.87 6.68 -8.22
CA ASP A 166 20.42 5.58 -7.45
C ASP A 166 20.01 5.56 -5.98
N ARG A 167 19.59 6.70 -5.44
CA ARG A 167 19.09 6.73 -4.05
C ARG A 167 17.57 6.54 -3.97
N LEU A 168 16.94 6.38 -5.12
CA LEU A 168 15.52 6.07 -5.18
C LEU A 168 15.29 4.59 -5.53
N ILE A 169 16.37 3.82 -5.58
CA ILE A 169 16.29 2.36 -5.78
C ILE A 169 15.22 1.80 -4.84
N TYR A 170 15.43 2.03 -3.54
CA TYR A 170 14.63 1.41 -2.52
C TYR A 170 13.19 1.91 -2.52
N ASP A 171 13.01 3.22 -2.62
CA ASP A 171 11.66 3.80 -2.65
C ASP A 171 10.78 3.19 -3.73
N ILE A 172 11.36 2.93 -4.90
CA ILE A 172 10.61 2.37 -6.02
C ILE A 172 10.43 0.85 -5.85
N THR A 173 11.53 0.16 -5.53
CA THR A 173 11.48 -1.28 -5.29
C THR A 173 10.26 -1.65 -4.45
N VAL A 174 10.15 -1.02 -3.28
CA VAL A 174 9.04 -1.26 -2.39
C VAL A 174 7.73 -0.89 -3.08
N ALA A 175 7.59 0.36 -3.50
CA ALA A 175 6.34 0.83 -4.11
C ALA A 175 5.87 -0.09 -5.26
N MET A 176 6.82 -0.63 -6.01
CA MET A 176 6.52 -1.61 -7.06
C MET A 176 6.07 -2.93 -6.47
N LYS A 177 6.92 -3.52 -5.62
CA LYS A 177 6.74 -4.88 -5.11
C LYS A 177 5.52 -4.99 -4.17
N ALA A 178 5.31 -3.97 -3.36
CA ALA A 178 4.09 -3.83 -2.58
C ALA A 178 2.86 -3.93 -3.47
N ARG A 179 2.88 -3.21 -4.59
CA ARG A 179 1.77 -3.22 -5.54
C ARG A 179 1.58 -4.59 -6.20
N GLU A 180 2.68 -5.32 -6.36
CA GLU A 180 2.65 -6.65 -6.99
C GLU A 180 2.06 -7.69 -6.04
N ALA A 181 2.47 -7.66 -4.78
CA ALA A 181 1.91 -8.55 -3.75
C ALA A 181 0.43 -8.24 -3.49
N GLN A 182 0.05 -6.98 -3.65
CA GLN A 182 -1.35 -6.57 -3.60
C GLN A 182 -2.13 -7.17 -4.78
N ASP A 183 -1.45 -7.35 -5.91
CA ASP A 183 -2.07 -7.89 -7.14
C ASP A 183 -2.07 -9.42 -7.21
N ALA A 184 -1.28 -10.08 -6.38
CA ALA A 184 -1.23 -11.55 -6.36
C ALA A 184 -2.39 -12.18 -5.56
N VAL A 185 -3.00 -11.41 -4.64
CA VAL A 185 -4.15 -11.88 -3.85
C VAL A 185 -5.48 -11.61 -4.55
N LYS A 186 -5.53 -10.58 -5.41
CA LYS A 186 -6.66 -10.39 -6.31
C LYS A 186 -6.73 -11.59 -7.25
N ALA A 187 -5.56 -12.00 -7.76
CA ALA A 187 -5.41 -13.25 -8.50
C ALA A 187 -5.24 -14.39 -7.50
N GLY A 188 -4.97 -15.58 -8.00
CA GLY A 188 -4.76 -16.75 -7.15
C GLY A 188 -3.33 -17.23 -7.22
N ASN A 189 -2.43 -16.46 -6.61
CA ASN A 189 -1.00 -16.78 -6.64
C ASN A 189 -0.29 -16.26 -5.39
N LEU A 190 -0.43 -16.99 -4.29
CA LEU A 190 0.22 -16.63 -3.03
C LEU A 190 1.70 -16.99 -3.01
N ASP A 191 2.14 -17.81 -3.97
CA ASP A 191 3.57 -18.13 -4.12
C ASP A 191 4.36 -16.93 -4.60
N LYS A 192 3.82 -16.19 -5.57
CA LYS A 192 4.51 -15.01 -6.12
C LYS A 192 4.56 -13.88 -5.10
N ALA A 193 3.43 -13.61 -4.45
CA ALA A 193 3.44 -12.78 -3.25
C ALA A 193 4.27 -13.51 -2.21
N LYS A 194 4.56 -12.86 -1.07
CA LYS A 194 5.44 -13.44 -0.04
C LYS A 194 6.91 -13.34 -0.49
N ALA A 195 7.24 -13.87 -1.67
CA ALA A 195 8.52 -13.59 -2.31
C ALA A 195 8.64 -12.08 -2.58
N ALA A 196 7.50 -11.46 -2.87
CA ALA A 196 7.39 -10.01 -3.00
C ALA A 196 7.55 -9.33 -1.64
N LEU A 197 6.75 -9.77 -0.64
CA LEU A 197 6.86 -9.23 0.72
C LEU A 197 8.22 -9.53 1.36
N ASP A 198 8.82 -10.67 1.04
CA ASP A 198 10.22 -10.97 1.43
C ASP A 198 11.13 -9.83 1.00
N GLN A 199 10.86 -9.32 -0.20
CA GLN A 199 11.63 -8.22 -0.76
C GLN A 199 11.19 -6.90 -0.12
N VAL A 200 9.89 -6.63 -0.06
CA VAL A 200 9.40 -5.42 0.59
C VAL A 200 9.95 -5.35 2.01
N ASN A 201 9.87 -6.45 2.75
CA ASN A 201 10.15 -6.43 4.19
C ASN A 201 11.64 -6.34 4.56
N GLN A 202 12.54 -6.53 3.59
CA GLN A 202 13.98 -6.32 3.82
C GLN A 202 14.44 -4.92 3.40
N TYR A 203 13.57 -4.14 2.75
CA TYR A 203 13.94 -2.86 2.16
C TYR A 203 13.20 -1.62 2.68
N VAL A 204 12.07 -1.78 3.37
CA VAL A 204 11.35 -0.60 3.90
C VAL A 204 12.15 0.12 4.98
N SER A 205 13.15 -0.57 5.54
CA SER A 205 14.11 0.06 6.44
C SER A 205 14.89 1.20 5.74
N LYS A 206 15.25 0.97 4.49
CA LYS A 206 16.23 1.82 3.79
C LYS A 206 15.62 2.89 2.87
N VAL A 207 14.33 3.17 3.02
CA VAL A 207 13.70 4.21 2.20
C VAL A 207 14.12 5.60 2.67
N THR A 208 14.04 6.56 1.76
CA THR A 208 14.35 7.95 2.05
C THR A 208 13.10 8.66 2.56
N ASP A 209 13.31 9.82 3.18
CA ASP A 209 12.24 10.56 3.87
C ASP A 209 11.17 11.14 2.95
N ALA A 210 11.42 11.07 1.64
CA ALA A 210 10.48 11.55 0.62
C ALA A 210 9.07 10.97 0.81
N PHE A 211 8.96 9.66 0.70
CA PHE A 211 7.67 8.97 0.72
C PHE A 211 7.56 7.97 1.88
N LYS A 212 8.51 8.01 2.81
CA LYS A 212 8.54 7.14 4.00
C LYS A 212 7.14 6.86 4.57
N ALA A 213 6.31 7.90 4.64
CA ALA A 213 4.95 7.80 5.15
C ALA A 213 4.05 6.90 4.30
N GLU A 214 3.90 7.27 3.03
CA GLU A 214 3.00 6.56 2.11
C GLU A 214 3.45 5.13 1.81
N LEU A 215 4.76 4.91 1.78
CA LEU A 215 5.33 3.57 1.54
C LEU A 215 5.01 2.60 2.67
N GLN A 216 5.12 3.08 3.90
CA GLN A 216 4.83 2.27 5.08
C GLN A 216 3.38 1.82 5.12
N LYS A 217 2.45 2.74 4.87
CA LYS A 217 1.03 2.38 4.81
C LYS A 217 0.81 1.35 3.71
N ALA A 218 1.36 1.59 2.53
CA ALA A 218 1.20 0.67 1.41
C ALA A 218 1.87 -0.69 1.66
N ALA A 219 2.91 -0.70 2.50
CA ALA A 219 3.61 -1.95 2.87
C ALA A 219 2.81 -2.76 3.89
N GLN A 220 2.38 -2.09 4.96
CA GLN A 220 1.54 -2.70 5.98
C GLN A 220 0.19 -3.17 5.41
N ASP A 221 -0.38 -2.40 4.47
CA ASP A 221 -1.63 -2.76 3.81
C ASP A 221 -1.48 -3.94 2.85
N ALA A 222 -0.25 -4.26 2.45
CA ALA A 222 0.02 -5.40 1.58
C ALA A 222 0.26 -6.67 2.40
N LYS A 223 0.81 -6.51 3.59
CA LYS A 223 0.87 -7.60 4.56
C LYS A 223 -0.55 -8.01 4.95
N ALA A 224 -1.33 -7.05 5.45
CA ALA A 224 -2.71 -7.28 5.89
C ALA A 224 -3.55 -8.04 4.85
N ALA A 225 -3.57 -7.53 3.63
CA ALA A 225 -4.33 -8.15 2.53
C ALA A 225 -3.99 -9.63 2.37
N TYR A 226 -2.69 -9.92 2.45
CA TYR A 226 -2.17 -11.28 2.29
C TYR A 226 -2.58 -12.22 3.44
N GLU A 227 -2.62 -11.69 4.67
CA GLU A 227 -3.06 -12.48 5.83
C GLU A 227 -4.51 -12.90 5.65
N ALA A 228 -5.40 -11.91 5.51
CA ALA A 228 -6.84 -12.12 5.43
C ALA A 228 -7.25 -13.17 4.40
N ALA A 229 -6.61 -13.14 3.23
CA ALA A 229 -6.88 -14.12 2.18
C ALA A 229 -5.72 -15.14 2.08
N LEU A 230 -5.50 -15.86 3.18
CA LEU A 230 -4.53 -16.95 3.23
C LEU A 230 -5.27 -18.27 3.47
N THR A 231 -4.92 -19.30 2.69
CA THR A 231 -5.65 -20.59 2.71
C THR A 231 -5.67 -21.23 4.10
N PRO A 232 -6.87 -21.59 4.61
CA PRO A 232 -6.93 -22.21 5.94
C PRO A 232 -6.27 -23.57 5.96
N LYS A 233 -5.89 -24.02 7.15
CA LYS A 233 -5.00 -25.16 7.30
C LYS A 233 -5.32 -25.93 8.58
N VAL A 234 -4.91 -27.19 8.62
CA VAL A 234 -4.99 -27.96 9.85
C VAL A 234 -3.64 -27.77 10.56
N GLU A 235 -3.67 -27.16 11.73
CA GLU A 235 -2.44 -26.93 12.49
C GLU A 235 -1.83 -28.23 12.98
N SER A 236 -2.59 -29.00 13.74
CA SER A 236 -2.09 -30.26 14.30
C SER A 236 -3.19 -31.19 14.76
N VAL A 237 -2.80 -32.45 14.98
CA VAL A 237 -3.65 -33.46 15.57
C VAL A 237 -2.93 -34.10 16.74
N SER A 238 -3.67 -34.39 17.80
CA SER A 238 -3.10 -34.97 19.01
C SER A 238 -4.12 -35.88 19.67
N ALA A 239 -3.64 -36.97 20.26
CA ALA A 239 -4.54 -37.93 20.87
C ALA A 239 -5.16 -37.37 22.15
N ILE A 240 -6.26 -37.97 22.56
CA ILE A 240 -7.01 -37.55 23.73
C ILE A 240 -7.14 -38.75 24.68
N ASP A 241 -7.60 -39.88 24.13
CA ASP A 241 -7.58 -41.14 24.84
C ASP A 241 -7.41 -42.24 23.81
N SER A 242 -7.73 -43.46 24.19
CA SER A 242 -7.55 -44.61 23.31
C SER A 242 -8.44 -44.62 22.08
N THR A 243 -9.47 -43.77 22.03
CA THR A 243 -10.42 -43.80 20.91
C THR A 243 -10.76 -42.46 20.26
N SER A 244 -10.24 -41.35 20.77
CA SER A 244 -10.54 -40.05 20.16
C SER A 244 -9.28 -39.23 20.01
N PHE A 245 -9.26 -38.35 19.02
CA PHE A 245 -8.13 -37.42 18.85
C PHE A 245 -8.63 -36.02 18.57
N LYS A 246 -7.84 -35.04 18.99
CA LYS A 246 -8.17 -33.65 18.81
C LYS A 246 -7.55 -33.19 17.51
N VAL A 247 -8.20 -32.22 16.86
CA VAL A 247 -7.63 -31.60 15.68
C VAL A 247 -7.90 -30.10 15.74
N THR A 248 -6.83 -29.30 15.59
CA THR A 248 -6.91 -27.82 15.64
C THR A 248 -6.82 -27.21 14.24
N PHE A 249 -7.54 -26.11 14.06
CA PHE A 249 -7.58 -25.40 12.78
C PHE A 249 -7.01 -23.99 12.92
N THR A 250 -6.50 -23.44 11.81
CA THR A 250 -6.01 -22.05 11.78
C THR A 250 -7.16 -21.04 11.78
N LYS A 251 -8.21 -21.35 11.04
CA LYS A 251 -9.38 -20.48 11.01
C LYS A 251 -10.55 -21.26 11.59
N PRO A 252 -11.70 -20.59 11.83
CA PRO A 252 -12.90 -21.34 12.23
C PRO A 252 -13.31 -22.30 11.12
N VAL A 253 -14.29 -23.17 11.39
CA VAL A 253 -14.64 -24.21 10.42
C VAL A 253 -16.15 -24.43 10.31
N ASP A 254 -16.59 -24.79 9.10
CA ASP A 254 -18.00 -24.97 8.80
C ASP A 254 -18.47 -26.30 9.37
N LYS A 255 -19.35 -26.25 10.37
CA LYS A 255 -19.92 -27.46 10.98
C LYS A 255 -20.48 -28.48 9.97
N ALA A 256 -20.92 -27.98 8.82
CA ALA A 256 -21.43 -28.83 7.75
C ALA A 256 -20.34 -29.66 7.04
N THR A 257 -19.08 -29.23 7.10
CA THR A 257 -17.98 -29.99 6.50
C THR A 257 -17.15 -30.81 7.48
N ALA A 258 -17.22 -30.48 8.77
CA ALA A 258 -16.53 -31.27 9.80
C ALA A 258 -17.32 -32.55 10.12
N ILE A 259 -17.15 -33.56 9.28
CA ILE A 259 -17.94 -34.79 9.37
C ILE A 259 -17.07 -36.01 9.08
N PRO A 260 -17.48 -37.19 9.59
CA PRO A 260 -16.59 -38.36 9.58
C PRO A 260 -16.07 -38.72 8.19
N LYS A 261 -16.88 -38.46 7.16
CA LYS A 261 -16.52 -38.67 5.76
C LYS A 261 -15.22 -37.96 5.34
N ASN A 262 -14.89 -36.86 6.01
CA ASN A 262 -13.75 -36.02 5.63
C ASN A 262 -12.48 -36.26 6.43
N PHE A 263 -12.44 -37.36 7.19
CA PHE A 263 -11.24 -37.74 7.93
C PHE A 263 -10.89 -39.18 7.61
N SER A 264 -9.62 -39.44 7.35
CA SER A 264 -9.12 -40.78 7.09
C SER A 264 -7.90 -41.06 7.96
N ILE A 265 -8.00 -42.05 8.84
CA ILE A 265 -6.92 -42.41 9.76
C ILE A 265 -6.34 -43.80 9.48
N THR A 266 -5.03 -43.88 9.39
CA THR A 266 -4.33 -45.14 9.17
C THR A 266 -3.19 -45.30 10.16
N LEU A 267 -2.93 -46.53 10.56
CA LEU A 267 -1.75 -46.85 11.35
C LEU A 267 -0.57 -46.65 10.41
N LYS A 268 0.43 -45.88 10.84
CA LYS A 268 1.49 -45.43 9.94
C LYS A 268 2.31 -46.60 9.40
N GLY A 269 2.57 -46.55 8.09
CA GLY A 269 3.36 -47.57 7.40
C GLY A 269 2.60 -48.88 7.21
N THR A 270 1.27 -48.79 7.10
CA THR A 270 0.40 -49.95 6.92
C THR A 270 -0.84 -49.61 6.12
N GLU A 271 -1.59 -50.64 5.75
CA GLU A 271 -2.90 -50.48 5.11
C GLU A 271 -4.03 -50.38 6.13
N THR A 272 -3.75 -50.79 7.38
CA THR A 272 -4.74 -50.72 8.48
C THR A 272 -5.43 -49.35 8.59
N LYS A 273 -6.72 -49.32 8.27
CA LYS A 273 -7.53 -48.11 8.37
C LYS A 273 -8.34 -48.08 9.66
N LEU A 274 -8.64 -46.87 10.15
CA LEU A 274 -9.48 -46.68 11.31
C LEU A 274 -10.58 -45.70 10.94
N TYR A 275 -11.81 -46.19 10.86
CA TYR A 275 -12.92 -45.35 10.44
C TYR A 275 -13.39 -44.52 11.63
N PRO A 276 -13.69 -43.24 11.41
CA PRO A 276 -14.19 -42.38 12.47
C PRO A 276 -15.69 -42.51 12.64
N LYS A 277 -16.13 -42.46 13.90
CA LYS A 277 -17.53 -42.63 14.26
C LYS A 277 -18.23 -41.29 14.33
N SER A 278 -17.55 -40.28 14.88
CA SER A 278 -18.18 -38.98 15.08
C SER A 278 -17.19 -37.83 14.98
N VAL A 279 -17.69 -36.64 14.68
CA VAL A 279 -16.89 -35.41 14.78
C VAL A 279 -17.68 -34.31 15.48
N GLU A 280 -17.17 -33.87 16.63
CA GLU A 280 -17.76 -32.77 17.39
C GLU A 280 -16.84 -31.56 17.33
N VAL A 281 -17.41 -30.38 17.09
CA VAL A 281 -16.64 -29.17 16.83
C VAL A 281 -16.86 -28.14 17.93
N SER A 282 -15.78 -27.49 18.35
CA SER A 282 -15.83 -26.52 19.44
C SER A 282 -16.78 -25.38 19.10
N GLU A 283 -17.31 -24.73 20.14
CA GLU A 283 -18.19 -23.57 19.97
C GLU A 283 -17.49 -22.47 19.15
N SER A 284 -16.18 -22.33 19.35
CA SER A 284 -15.35 -21.40 18.58
C SER A 284 -15.11 -21.88 17.14
N GLY A 285 -14.98 -23.19 16.96
CA GLY A 285 -14.75 -23.77 15.65
C GLY A 285 -13.29 -23.87 15.24
N LEU A 286 -12.38 -23.78 16.22
CA LEU A 286 -10.94 -23.91 15.94
C LEU A 286 -10.38 -25.29 16.26
N THR A 287 -11.13 -26.09 17.01
CA THR A 287 -10.75 -27.47 17.26
C THR A 287 -11.93 -28.40 17.00
N ALA A 288 -11.64 -29.69 16.92
CA ALA A 288 -12.68 -30.70 16.86
C ALA A 288 -12.19 -32.03 17.40
N THR A 289 -13.09 -32.73 18.07
CA THR A 289 -12.83 -34.09 18.52
C THR A 289 -13.24 -35.01 17.39
N VAL A 290 -12.39 -35.98 17.08
CA VAL A 290 -12.76 -37.05 16.18
C VAL A 290 -12.68 -38.35 16.96
N THR A 291 -13.79 -39.06 17.01
CA THR A 291 -13.87 -40.31 17.77
C THR A 291 -13.89 -41.50 16.82
N LEU A 292 -13.33 -42.61 17.28
CA LEU A 292 -13.09 -43.79 16.46
C LEU A 292 -13.85 -45.00 17.00
N TYR A 293 -14.21 -45.92 16.11
CA TYR A 293 -14.75 -47.20 16.55
C TYR A 293 -13.63 -48.02 17.18
N ASP A 294 -12.50 -48.09 16.49
CA ASP A 294 -11.35 -48.88 16.93
C ASP A 294 -10.58 -48.22 18.08
N THR A 295 -9.64 -48.98 18.66
CA THR A 295 -8.84 -48.54 19.80
C THR A 295 -7.39 -48.34 19.42
N LEU A 296 -6.87 -47.16 19.71
CA LEU A 296 -5.48 -46.85 19.43
C LEU A 296 -4.55 -47.73 20.28
N VAL A 297 -3.29 -47.84 19.86
CA VAL A 297 -2.34 -48.75 20.47
C VAL A 297 -1.20 -47.97 21.12
N ASP A 298 -0.95 -48.27 22.41
CA ASP A 298 0.06 -47.56 23.18
C ASP A 298 1.36 -47.61 22.41
N GLY A 299 1.89 -46.44 22.06
CA GLY A 299 3.21 -46.33 21.43
C GLY A 299 3.15 -45.98 19.95
N LYS A 300 2.16 -46.52 19.25
CA LYS A 300 2.10 -46.44 17.79
C LYS A 300 1.73 -45.04 17.30
N THR A 301 2.12 -44.74 16.07
CA THR A 301 1.83 -43.45 15.44
C THR A 301 0.77 -43.60 14.37
N TYR A 302 -0.10 -42.61 14.23
CA TYR A 302 -1.20 -42.65 13.27
C TYR A 302 -1.16 -41.41 12.40
N THR A 303 -1.54 -41.55 11.14
CA THR A 303 -1.51 -40.43 10.22
C THR A 303 -2.94 -40.10 9.81
N VAL A 304 -3.32 -38.84 9.98
CA VAL A 304 -4.65 -38.37 9.64
C VAL A 304 -4.63 -37.62 8.33
N VAL A 305 -5.63 -37.83 7.49
CA VAL A 305 -5.75 -37.17 6.20
C VAL A 305 -7.07 -36.43 6.07
N THR A 306 -6.97 -35.13 5.86
CA THR A 306 -8.12 -34.25 5.84
C THR A 306 -8.42 -33.85 4.40
N SER A 307 -9.67 -33.50 4.11
CA SER A 307 -10.07 -33.16 2.74
C SER A 307 -11.53 -32.76 2.63
N GLY A 308 -11.83 -31.89 1.67
CA GLY A 308 -13.18 -31.40 1.47
C GLY A 308 -13.71 -30.58 2.64
N LEU A 309 -12.79 -30.04 3.44
CA LEU A 309 -13.14 -29.20 4.59
C LEU A 309 -13.31 -27.76 4.15
N LYS A 310 -13.94 -26.94 4.98
CA LYS A 310 -14.26 -25.57 4.59
C LYS A 310 -14.37 -24.57 5.76
N ASP A 311 -13.85 -23.37 5.50
CA ASP A 311 -13.92 -22.24 6.43
C ASP A 311 -15.36 -21.75 6.58
N THR A 312 -15.64 -21.04 7.69
CA THR A 312 -16.93 -20.39 7.90
C THR A 312 -17.10 -19.25 6.89
N ALA A 313 -18.19 -19.30 6.12
CA ALA A 313 -18.44 -18.36 5.02
C ALA A 313 -17.25 -18.22 4.06
N GLY A 314 -16.39 -19.23 4.02
CA GLY A 314 -15.08 -19.11 3.36
C GLY A 314 -14.76 -20.24 2.42
N LYS A 315 -13.46 -20.52 2.28
CA LYS A 315 -12.93 -21.32 1.18
C LYS A 315 -12.32 -22.64 1.64
N GLU A 316 -11.93 -23.45 0.67
CA GLU A 316 -11.53 -24.84 0.91
C GLU A 316 -10.18 -24.95 1.62
N PHE A 317 -10.02 -26.05 2.37
CA PHE A 317 -8.74 -26.39 3.02
C PHE A 317 -7.87 -27.16 2.03
N GLU A 318 -6.56 -27.09 2.23
CA GLU A 318 -5.64 -27.92 1.47
C GLU A 318 -5.64 -29.32 2.06
N THR A 319 -5.96 -30.31 1.23
CA THR A 319 -5.82 -31.71 1.62
C THR A 319 -4.42 -31.91 2.21
N SER A 320 -4.35 -32.47 3.41
CA SER A 320 -3.08 -32.53 4.16
C SER A 320 -2.94 -33.76 5.05
N THR A 321 -1.69 -34.09 5.36
CA THR A 321 -1.36 -35.22 6.21
C THR A 321 -0.69 -34.74 7.50
N ASN A 322 -1.23 -35.14 8.64
CA ASN A 322 -0.66 -34.80 9.94
C ASN A 322 -0.61 -36.08 10.78
N GLU A 323 0.45 -36.23 11.57
CA GLU A 323 0.62 -37.41 12.40
C GLU A 323 0.28 -37.11 13.85
N PHE A 324 0.01 -38.15 14.62
CA PHE A 324 -0.06 -38.06 16.08
C PHE A 324 0.30 -39.40 16.67
N THR A 325 0.76 -39.40 17.92
CA THR A 325 1.32 -40.62 18.52
C THR A 325 0.66 -40.96 19.84
N TYR A 326 -0.18 -41.98 19.84
CA TYR A 326 -0.92 -42.31 21.03
C TYR A 326 0.00 -42.83 22.11
N ASN A 327 -0.03 -42.19 23.28
CA ASN A 327 0.69 -42.66 24.46
C ASN A 327 -0.17 -42.75 25.72
N LYS A 328 -0.51 -43.97 26.08
CA LYS A 328 -1.33 -44.21 27.27
C LYS A 328 -0.58 -43.79 28.51
N PRO A 329 -1.09 -42.75 29.22
CA PRO A 329 -0.41 -42.24 30.39
C PRO A 329 -0.58 -43.16 31.60
N VAL A 330 0.28 -42.97 32.60
CA VAL A 330 0.32 -43.79 33.80
C VAL A 330 0.08 -42.92 35.04
N PRO A 331 -1.16 -42.91 35.57
CA PRO A 331 -1.49 -42.05 36.70
C PRO A 331 -0.91 -42.57 38.02
N ALA A 332 -0.43 -41.64 38.85
CA ALA A 332 0.18 -41.96 40.13
C ALA A 332 -0.56 -41.33 41.31
N SER A 333 -0.90 -40.04 41.18
CA SER A 333 -1.58 -39.30 42.24
C SER A 333 -2.86 -38.64 41.72
N ILE A 334 -3.72 -38.26 42.65
CA ILE A 334 -5.00 -37.62 42.32
C ILE A 334 -5.42 -36.72 43.48
N THR A 335 -6.01 -35.57 43.13
CA THR A 335 -6.16 -34.45 44.05
C THR A 335 -7.40 -33.62 43.69
N PHE A 336 -8.04 -33.01 44.69
CA PHE A 336 -9.08 -32.01 44.42
C PHE A 336 -8.47 -30.61 44.28
N ASN A 337 -8.99 -29.82 43.34
CA ASN A 337 -8.39 -28.52 43.03
C ASN A 337 -8.67 -27.46 44.10
N PHE A 338 -9.75 -27.66 44.86
CA PHE A 338 -10.12 -26.80 45.98
C PHE A 338 -10.62 -27.63 47.16
N ASN A 339 -10.82 -26.95 48.28
CA ASN A 339 -11.44 -27.51 49.48
C ASN A 339 -12.96 -27.32 49.46
N LYS A 340 -13.46 -26.70 48.39
CA LYS A 340 -14.86 -26.33 48.27
C LYS A 340 -15.42 -26.63 46.88
N LEU A 341 -16.73 -26.87 46.82
CA LEU A 341 -17.46 -27.09 45.58
C LEU A 341 -18.54 -26.02 45.45
N PRO A 342 -18.96 -25.72 44.22
CA PRO A 342 -20.05 -24.78 44.09
C PRO A 342 -21.38 -25.36 44.55
N GLU A 343 -22.37 -24.48 44.72
CA GLU A 343 -23.74 -24.90 44.99
C GLU A 343 -24.42 -25.09 43.64
N ASP A 344 -25.01 -26.26 43.42
CA ASP A 344 -25.54 -26.59 42.09
C ASP A 344 -26.21 -27.96 42.03
N SER A 345 -27.20 -28.06 41.15
CA SER A 345 -27.97 -29.29 40.93
C SER A 345 -27.11 -30.40 40.34
N ALA A 346 -26.25 -30.05 39.39
CA ALA A 346 -25.31 -30.99 38.81
C ALA A 346 -23.94 -30.36 38.84
N VAL A 347 -23.12 -30.79 39.81
CA VAL A 347 -21.73 -30.43 39.82
C VAL A 347 -20.99 -31.61 39.24
N ASP A 348 -20.22 -31.36 38.17
CA ASP A 348 -19.50 -32.40 37.42
C ASP A 348 -18.15 -32.69 38.03
N LEU A 349 -18.09 -33.70 38.90
CA LEU A 349 -16.93 -33.92 39.77
C LEU A 349 -15.59 -34.02 39.03
N THR A 350 -15.60 -34.49 37.79
CA THR A 350 -14.38 -34.58 37.00
C THR A 350 -13.73 -33.23 36.74
N LYS A 351 -14.47 -32.15 36.82
CA LYS A 351 -13.93 -30.84 36.54
C LYS A 351 -13.17 -30.27 37.74
N TYR A 352 -13.36 -30.89 38.91
CA TYR A 352 -12.77 -30.39 40.17
C TYR A 352 -11.69 -31.34 40.75
N VAL A 353 -11.13 -32.19 39.89
CA VAL A 353 -10.11 -33.13 40.27
C VAL A 353 -8.93 -32.88 39.34
N THR A 354 -7.73 -33.22 39.80
CA THR A 354 -6.52 -33.17 38.96
C THR A 354 -5.68 -34.43 39.14
N VAL A 355 -5.35 -35.07 38.02
CA VAL A 355 -4.57 -36.27 38.03
C VAL A 355 -3.14 -35.97 37.58
N LYS A 356 -2.18 -36.63 38.21
CA LYS A 356 -0.77 -36.51 37.86
C LYS A 356 -0.12 -37.89 37.74
N ASP A 357 0.99 -37.94 37.01
CA ASP A 357 1.85 -39.13 36.95
C ASP A 357 2.86 -39.04 38.11
N ALA A 358 3.82 -39.97 38.15
CA ALA A 358 4.80 -40.01 39.25
C ALA A 358 5.91 -38.96 39.09
N ALA A 359 6.23 -38.58 37.86
CA ALA A 359 7.17 -37.47 37.63
C ALA A 359 6.65 -36.18 38.22
N GLY A 360 5.32 -36.07 38.35
CA GLY A 360 4.64 -34.87 38.85
C GLY A 360 3.95 -34.04 37.77
N ASN A 361 3.59 -34.69 36.66
CA ASN A 361 2.96 -34.00 35.53
C ASN A 361 1.48 -34.20 35.52
N VAL A 362 0.75 -33.11 35.30
CA VAL A 362 -0.70 -33.18 35.21
C VAL A 362 -1.11 -33.86 33.90
N ILE A 363 -1.86 -34.95 34.02
CA ILE A 363 -2.40 -35.66 32.87
C ILE A 363 -3.76 -35.06 32.54
N LYS A 364 -3.86 -34.37 31.41
CA LYS A 364 -5.10 -33.69 31.03
C LYS A 364 -6.20 -34.63 30.55
N SER A 365 -5.84 -35.83 30.09
CA SER A 365 -6.81 -36.84 29.59
C SER A 365 -6.13 -38.18 29.31
N GLY A 366 -6.91 -39.25 29.28
CA GLY A 366 -6.37 -40.60 29.05
C GLY A 366 -7.03 -41.66 29.91
N PHE A 367 -7.54 -41.25 31.06
CA PHE A 367 -7.99 -42.15 32.11
C PHE A 367 -9.50 -42.06 32.28
N GLU A 368 -10.05 -42.95 33.09
CA GLU A 368 -11.45 -42.86 33.51
C GLU A 368 -11.43 -42.62 35.00
N LEU A 369 -12.54 -42.16 35.56
CA LEU A 369 -12.65 -41.90 37.00
C LEU A 369 -13.89 -42.54 37.56
N GLU A 370 -13.76 -43.14 38.74
CA GLU A 370 -14.93 -43.58 39.48
C GLU A 370 -15.07 -42.68 40.70
N PHE A 371 -16.31 -42.39 41.08
CA PHE A 371 -16.54 -41.59 42.26
C PHE A 371 -17.44 -42.32 43.23
N THR A 372 -17.24 -42.05 44.52
CA THR A 372 -18.29 -42.26 45.50
C THR A 372 -18.42 -40.96 46.26
N SER A 373 -19.60 -40.75 46.83
CA SER A 373 -19.92 -39.50 47.49
C SER A 373 -20.90 -39.73 48.61
N SER A 374 -20.97 -38.77 49.52
CA SER A 374 -22.07 -38.71 50.47
C SER A 374 -23.37 -38.56 49.69
N GLU A 375 -23.31 -37.78 48.62
CA GLU A 375 -24.48 -37.46 47.81
C GLU A 375 -24.65 -38.43 46.63
N LYS A 376 -25.83 -38.41 46.02
CA LYS A 376 -26.17 -39.34 44.94
C LYS A 376 -25.49 -38.90 43.63
N LEU A 377 -24.92 -39.87 42.94
CA LEU A 377 -24.22 -39.64 41.68
C LEU A 377 -25.12 -39.90 40.49
N THR A 378 -25.10 -39.00 39.51
CA THR A 378 -25.88 -39.16 38.29
C THR A 378 -24.88 -39.29 37.14
N GLN A 379 -24.97 -40.39 36.42
CA GLN A 379 -23.97 -40.76 35.39
C GLN A 379 -22.58 -40.95 35.99
N GLY A 380 -22.54 -41.36 37.25
CA GLY A 380 -21.30 -41.64 37.98
C GLY A 380 -20.30 -40.50 38.08
N LYS A 381 -20.79 -39.26 38.00
CA LYS A 381 -19.91 -38.09 37.97
C LYS A 381 -20.57 -36.77 38.42
N PHE A 382 -21.91 -36.71 38.46
CA PHE A 382 -22.64 -35.50 38.82
C PHE A 382 -23.24 -35.61 40.21
N ILE A 383 -23.18 -34.53 40.98
CA ILE A 383 -23.90 -34.48 42.28
C ILE A 383 -24.63 -33.17 42.52
N ASN A 384 -25.66 -33.23 43.38
CA ASN A 384 -26.47 -32.08 43.77
C ASN A 384 -25.98 -31.54 45.11
N THR A 385 -25.28 -30.42 45.05
CA THR A 385 -24.79 -29.76 46.26
C THR A 385 -25.75 -28.69 46.78
N THR A 386 -27.00 -28.69 46.29
CA THR A 386 -27.93 -27.60 46.58
C THR A 386 -28.34 -27.62 48.05
N GLY A 387 -28.05 -26.52 48.73
CA GLY A 387 -28.46 -26.34 50.12
C GLY A 387 -27.58 -27.06 51.13
N LYS A 388 -26.50 -27.67 50.66
CA LYS A 388 -25.63 -28.46 51.51
C LYS A 388 -24.58 -27.56 52.15
N LYS A 389 -24.06 -28.02 53.28
CA LYS A 389 -22.96 -27.34 53.97
C LYS A 389 -21.64 -28.00 53.63
N SER A 390 -21.67 -29.31 53.46
CA SER A 390 -20.49 -30.05 53.10
C SER A 390 -20.87 -31.38 52.45
N VAL A 391 -19.89 -31.99 51.79
CA VAL A 391 -20.07 -33.28 51.15
C VAL A 391 -18.78 -34.05 51.23
N ILE A 392 -18.87 -35.38 51.23
CA ILE A 392 -17.70 -36.25 51.11
C ILE A 392 -17.63 -36.75 49.67
N VAL A 393 -16.43 -36.69 49.09
CA VAL A 393 -16.21 -37.22 47.76
C VAL A 393 -14.92 -38.03 47.70
N ASN A 394 -15.01 -39.18 47.05
CA ASN A 394 -13.86 -40.03 46.83
C ASN A 394 -13.67 -40.21 45.33
N ALA A 395 -12.49 -39.85 44.82
CA ALA A 395 -12.18 -39.99 43.40
C ALA A 395 -11.06 -40.99 43.22
N THR A 396 -11.32 -42.05 42.45
CA THR A 396 -10.31 -43.04 42.14
C THR A 396 -10.17 -43.16 40.62
N VAL A 397 -8.97 -43.48 40.16
CA VAL A 397 -8.72 -43.79 38.74
C VAL A 397 -9.10 -45.25 38.51
N LYS A 398 -9.64 -45.58 37.34
CA LYS A 398 -10.48 -46.79 37.23
C LYS A 398 -9.78 -48.13 37.47
N GLY A 399 -8.83 -48.49 36.60
CA GLY A 399 -8.07 -49.73 36.77
C GLY A 399 -7.10 -49.64 37.94
N THR A 400 -6.60 -48.43 38.18
CA THR A 400 -5.61 -48.17 39.23
C THR A 400 -6.20 -48.26 40.63
N ASN A 401 -5.30 -48.24 41.62
CA ASN A 401 -5.67 -48.06 43.03
C ASN A 401 -5.31 -46.64 43.50
N VAL A 402 -5.06 -45.75 42.54
CA VAL A 402 -4.75 -44.34 42.80
C VAL A 402 -6.02 -43.58 43.19
N THR A 403 -6.08 -43.12 44.44
CA THR A 403 -7.29 -42.53 44.98
C THR A 403 -7.02 -41.24 45.72
N THR A 404 -8.08 -40.46 45.92
CA THR A 404 -8.03 -39.24 46.71
C THR A 404 -8.32 -39.58 48.15
N GLY A 405 -8.86 -40.78 48.37
CA GLY A 405 -9.42 -41.15 49.66
C GLY A 405 -10.74 -40.43 49.85
N ASN A 406 -11.26 -40.43 51.06
CA ASN A 406 -12.45 -39.65 51.37
C ASN A 406 -12.05 -38.23 51.70
N VAL A 407 -12.55 -37.28 50.92
CA VAL A 407 -12.28 -35.87 51.14
C VAL A 407 -13.58 -35.13 51.45
N ILE A 408 -13.63 -34.49 52.61
CA ILE A 408 -14.71 -33.58 52.95
C ILE A 408 -14.51 -32.26 52.22
N LEU A 409 -15.59 -31.75 51.66
CA LEU A 409 -15.54 -30.56 50.86
C LEU A 409 -16.64 -29.61 51.28
N ALA A 410 -16.26 -28.35 51.45
CA ALA A 410 -17.20 -27.30 51.77
C ALA A 410 -18.00 -27.02 50.52
N VAL A 411 -19.28 -26.71 50.68
CA VAL A 411 -20.06 -26.22 49.57
C VAL A 411 -20.11 -24.71 49.73
N GLU A 412 -19.75 -23.99 48.68
CA GLU A 412 -19.75 -22.54 48.73
C GLU A 412 -20.33 -21.98 47.44
N ASP A 413 -21.41 -21.22 47.58
CA ASP A 413 -22.11 -20.58 46.47
C ASP A 413 -21.15 -19.66 45.71
N GLU A 414 -21.30 -19.59 44.40
CA GLU A 414 -20.49 -18.70 43.56
C GLU A 414 -20.54 -17.25 44.08
N LYS A 415 -19.45 -16.52 43.89
CA LYS A 415 -19.38 -15.11 44.26
C LYS A 415 -18.24 -14.40 43.53
N ALA A 416 -18.46 -13.13 43.18
CA ALA A 416 -17.48 -12.38 42.42
C ALA A 416 -16.14 -12.37 43.15
N ALA A 417 -15.14 -13.00 42.56
CA ALA A 417 -13.81 -13.12 43.15
C ALA A 417 -12.78 -12.22 42.49
N GLU A 418 -12.99 -11.89 41.21
CA GLU A 418 -11.96 -11.27 40.38
C GLU A 418 -12.61 -10.45 39.28
N VAL A 419 -11.92 -9.43 38.78
CA VAL A 419 -12.39 -8.66 37.63
C VAL A 419 -11.64 -9.09 36.37
N SER A 420 -12.26 -9.95 35.56
CA SER A 420 -11.61 -10.52 34.39
C SER A 420 -11.31 -9.49 33.29
N GLU A 421 -12.15 -8.46 33.16
CA GLU A 421 -11.86 -7.36 32.25
C GLU A 421 -12.64 -6.09 32.60
N LEU A 422 -12.08 -4.95 32.22
CA LEU A 422 -12.74 -3.65 32.37
C LEU A 422 -12.21 -2.71 31.29
N LYS A 423 -13.10 -2.32 30.37
CA LYS A 423 -12.73 -1.40 29.29
C LYS A 423 -13.87 -0.44 28.97
N LEU A 424 -13.52 0.68 28.35
CA LEU A 424 -14.51 1.65 27.87
C LEU A 424 -15.05 1.18 26.53
N THR A 425 -16.37 1.23 26.34
CA THR A 425 -16.98 0.83 25.07
C THR A 425 -18.07 1.77 24.59
N LYS A 426 -18.38 1.65 23.30
CA LYS A 426 -19.53 2.30 22.70
C LYS A 426 -20.08 1.33 21.65
N ASP A 427 -21.33 0.93 21.79
CA ASP A 427 -22.00 0.08 20.80
C ASP A 427 -21.25 -1.24 20.53
N ASN A 428 -20.72 -1.86 21.58
CA ASN A 428 -19.94 -3.12 21.50
C ASN A 428 -18.47 -2.98 21.08
N LYS A 429 -18.05 -1.78 20.70
CA LYS A 429 -16.68 -1.57 20.24
C LYS A 429 -15.85 -0.86 21.31
N GLU A 430 -14.68 -1.43 21.62
CA GLU A 430 -13.73 -0.78 22.51
C GLU A 430 -13.24 0.50 21.86
N VAL A 431 -13.32 1.61 22.58
CA VAL A 431 -12.83 2.89 22.07
C VAL A 431 -11.38 3.10 22.51
N VAL A 432 -10.53 3.55 21.58
CA VAL A 432 -9.14 3.88 21.88
C VAL A 432 -8.93 5.40 21.93
N THR A 433 -9.84 6.15 21.33
CA THR A 433 -9.75 7.61 21.30
C THR A 433 -11.06 8.25 21.78
N LEU A 434 -10.92 9.37 22.49
CA LEU A 434 -12.08 10.13 22.95
C LEU A 434 -11.70 11.60 23.16
N TYR A 435 -12.55 12.49 22.66
CA TYR A 435 -12.39 13.92 22.88
C TYR A 435 -13.54 14.45 23.74
N ALA A 436 -13.30 15.60 24.40
CA ALA A 436 -14.32 16.24 25.24
C ALA A 436 -15.64 16.53 24.51
N ASN A 437 -15.58 16.53 23.17
CA ASN A 437 -16.78 16.59 22.34
C ASN A 437 -17.81 15.53 22.72
N GLY A 438 -17.31 14.31 22.95
CA GLY A 438 -18.15 13.13 23.12
C GLY A 438 -17.89 12.11 22.02
N ASN A 439 -17.29 12.58 20.92
CA ASN A 439 -16.97 11.73 19.77
C ASN A 439 -15.97 10.64 20.17
N ALA A 440 -16.21 9.43 19.71
CA ALA A 440 -15.39 8.27 20.07
C ALA A 440 -14.86 7.57 18.82
N PHE A 441 -13.64 7.05 18.90
CA PHE A 441 -13.01 6.37 17.75
C PHE A 441 -12.36 5.06 18.17
N ASP A 442 -12.65 4.00 17.41
CA ASP A 442 -12.35 2.62 17.80
C ASP A 442 -10.89 2.22 17.54
N LYS A 443 -10.63 0.90 17.54
CA LYS A 443 -9.29 0.34 17.35
C LYS A 443 -8.54 0.85 16.12
N ASP A 444 -9.22 0.88 14.97
CA ASP A 444 -8.59 1.27 13.70
C ASP A 444 -8.41 2.79 13.59
N GLY A 445 -9.45 3.53 13.95
CA GLY A 445 -9.46 4.99 13.80
C GLY A 445 -10.83 5.55 13.45
N ASN A 446 -11.72 4.69 12.96
CA ASN A 446 -13.07 5.08 12.53
C ASN A 446 -13.95 5.40 13.73
N GLN A 447 -14.82 6.39 13.60
CA GLN A 447 -15.68 6.78 14.72
C GLN A 447 -16.92 5.90 14.76
N ILE A 448 -17.46 5.70 15.97
CA ILE A 448 -18.65 4.88 16.17
C ILE A 448 -19.84 5.83 16.37
N SER A 449 -20.75 5.84 15.40
CA SER A 449 -21.95 6.64 15.48
C SER A 449 -23.06 5.82 16.14
N SER A 450 -23.92 6.49 16.90
CA SER A 450 -24.97 5.85 17.68
C SER A 450 -24.41 4.85 18.71
N GLY A 451 -25.28 4.39 19.61
CA GLY A 451 -24.86 3.53 20.72
C GLY A 451 -24.38 4.37 21.90
N THR A 452 -24.69 3.91 23.11
CA THR A 452 -24.35 4.66 24.32
C THR A 452 -22.92 4.40 24.75
N LEU A 453 -22.30 5.43 25.34
CA LEU A 453 -20.91 5.37 25.78
C LEU A 453 -20.86 4.96 27.24
N THR A 454 -20.43 3.71 27.49
CA THR A 454 -20.46 3.12 28.83
C THR A 454 -19.21 2.30 29.14
N LEU A 455 -19.02 1.96 30.42
CA LEU A 455 -17.98 1.03 30.85
C LEU A 455 -18.54 -0.39 30.91
N THR A 456 -17.71 -1.35 30.52
CA THR A 456 -18.08 -2.76 30.49
C THR A 456 -17.18 -3.56 31.42
N ALA A 457 -17.77 -4.48 32.18
CA ALA A 457 -16.99 -5.29 33.09
C ALA A 457 -17.48 -6.73 33.11
N LYS A 458 -16.54 -7.65 33.26
CA LYS A 458 -16.83 -9.06 33.47
C LYS A 458 -16.10 -9.54 34.70
N PHE A 459 -16.64 -10.58 35.31
CA PHE A 459 -16.11 -11.08 36.56
C PHE A 459 -15.98 -12.59 36.49
N LYS A 460 -15.01 -13.12 37.22
CA LYS A 460 -14.94 -14.55 37.47
C LYS A 460 -15.19 -14.80 38.95
N ASP A 461 -15.76 -15.96 39.25
CA ASP A 461 -15.99 -16.37 40.63
C ASP A 461 -14.74 -17.05 41.23
N GLN A 462 -14.85 -17.53 42.46
CA GLN A 462 -13.72 -18.15 43.14
C GLN A 462 -13.30 -19.51 42.54
N TYR A 463 -14.14 -20.08 41.67
CA TYR A 463 -13.76 -21.27 40.91
C TYR A 463 -13.28 -20.91 39.49
N GLY A 464 -13.04 -19.62 39.25
CA GLY A 464 -12.51 -19.12 37.97
C GLY A 464 -13.43 -19.19 36.77
N ASN A 465 -14.75 -19.19 37.00
CA ASN A 465 -15.74 -19.17 35.93
C ASN A 465 -16.37 -17.80 35.80
N GLU A 466 -16.73 -17.41 34.57
CA GLU A 466 -17.29 -16.08 34.33
C GLU A 466 -18.70 -16.01 34.91
N LEU A 467 -19.02 -14.87 35.53
CA LEU A 467 -20.33 -14.68 36.14
C LEU A 467 -21.34 -14.16 35.11
N THR A 468 -22.57 -14.66 35.20
CA THR A 468 -23.61 -14.34 34.22
C THR A 468 -24.92 -13.97 34.90
N GLY A 469 -25.69 -13.11 34.24
CA GLY A 469 -26.96 -12.62 34.75
C GLY A 469 -26.82 -11.37 35.60
N LYS A 470 -25.59 -10.89 35.77
CA LYS A 470 -25.34 -9.79 36.70
C LYS A 470 -25.56 -8.45 36.04
N VAL A 471 -26.52 -7.70 36.59
CA VAL A 471 -26.94 -6.41 36.03
C VAL A 471 -26.05 -5.27 36.51
N ALA A 472 -25.49 -4.49 35.57
CA ALA A 472 -24.66 -3.34 35.92
C ALA A 472 -25.54 -2.28 36.56
N GLY A 473 -25.06 -1.71 37.66
CA GLY A 473 -25.82 -0.75 38.43
C GLY A 473 -26.49 -1.38 39.63
N THR A 474 -27.09 -2.56 39.43
CA THR A 474 -27.73 -3.31 40.51
C THR A 474 -26.72 -4.13 41.30
N ASP A 475 -26.04 -5.07 40.63
CA ASP A 475 -25.14 -6.03 41.30
C ASP A 475 -23.71 -5.53 41.39
N TYR A 476 -23.34 -4.58 40.52
CA TYR A 476 -22.03 -3.91 40.59
C TYR A 476 -22.12 -2.49 40.05
N THR A 477 -21.16 -1.65 40.41
CA THR A 477 -21.25 -0.21 40.13
C THR A 477 -19.93 0.45 39.77
N PHE A 478 -20.04 1.55 39.02
CA PHE A 478 -18.88 2.29 38.51
C PHE A 478 -18.80 3.68 39.13
N GLU A 479 -17.60 4.22 39.17
CA GLU A 479 -17.39 5.59 39.63
C GLU A 479 -16.07 6.17 39.13
N SER A 480 -16.04 7.50 39.01
CA SER A 480 -14.84 8.24 38.61
C SER A 480 -14.18 8.87 39.83
N LEU A 481 -12.85 8.85 39.85
CA LEU A 481 -12.06 9.48 40.90
C LEU A 481 -11.75 10.95 40.55
N ASN A 482 -12.23 11.40 39.39
CA ASN A 482 -12.08 12.79 38.96
C ASN A 482 -13.33 13.22 38.17
N PRO A 483 -14.39 13.64 38.89
CA PRO A 483 -15.64 14.09 38.24
C PRO A 483 -15.47 15.35 37.38
N GLU A 484 -14.43 16.13 37.68
CA GLU A 484 -14.05 17.31 36.89
C GLU A 484 -13.76 16.96 35.42
N VAL A 485 -12.97 15.91 35.22
CA VAL A 485 -12.55 15.47 33.88
C VAL A 485 -13.67 14.66 33.23
N LEU A 486 -14.19 13.69 33.99
CA LEU A 486 -15.05 12.65 33.45
C LEU A 486 -16.17 12.27 34.43
N VAL A 487 -17.41 12.30 33.96
CA VAL A 487 -18.57 11.94 34.79
C VAL A 487 -19.06 10.54 34.44
N VAL A 488 -19.19 9.70 35.46
CA VAL A 488 -19.66 8.31 35.28
C VAL A 488 -20.91 8.04 36.11
N ALA A 489 -21.89 7.37 35.50
CA ALA A 489 -23.09 6.94 36.19
C ALA A 489 -22.80 5.62 36.92
N PRO A 490 -23.69 5.21 37.84
CA PRO A 490 -23.47 3.92 38.49
C PRO A 490 -23.55 2.74 37.52
N ASP A 491 -24.38 2.86 36.49
CA ASP A 491 -24.60 1.77 35.52
C ASP A 491 -23.50 1.64 34.45
N GLY A 492 -22.63 2.64 34.35
CA GLY A 492 -21.53 2.61 33.38
C GLY A 492 -21.49 3.82 32.44
N SER A 493 -22.63 4.49 32.28
CA SER A 493 -22.78 5.63 31.37
C SER A 493 -21.77 6.75 31.62
N VAL A 494 -21.32 7.39 30.55
CA VAL A 494 -20.24 8.37 30.59
C VAL A 494 -20.56 9.62 29.73
N THR A 495 -20.14 10.78 30.22
CA THR A 495 -20.13 12.03 29.45
C THR A 495 -18.91 12.87 29.87
N PRO A 496 -17.85 12.92 29.03
CA PRO A 496 -16.68 13.74 29.39
C PRO A 496 -16.96 15.24 29.38
N ILE A 497 -16.19 15.99 30.19
CA ILE A 497 -16.39 17.43 30.36
C ILE A 497 -15.23 18.25 29.80
N VAL A 498 -14.00 17.83 30.09
CA VAL A 498 -12.80 18.60 29.76
C VAL A 498 -11.64 17.60 29.58
N PRO A 499 -10.62 17.97 28.78
CA PRO A 499 -9.47 17.07 28.56
C PRO A 499 -8.61 16.79 29.79
N GLY A 500 -7.67 15.86 29.66
CA GLY A 500 -6.82 15.43 30.78
C GLY A 500 -6.89 13.92 30.95
N THR A 501 -6.91 13.47 32.20
CA THR A 501 -7.06 12.04 32.53
C THR A 501 -7.94 11.86 33.76
N ALA A 502 -8.68 10.77 33.79
CA ALA A 502 -9.50 10.41 34.95
C ALA A 502 -9.28 8.94 35.29
N LEU A 503 -9.15 8.65 36.59
CA LEU A 503 -9.11 7.27 37.08
C LEU A 503 -10.55 6.83 37.33
N VAL A 504 -10.93 5.70 36.75
CA VAL A 504 -12.29 5.16 36.91
C VAL A 504 -12.20 3.71 37.36
N LYS A 505 -13.12 3.31 38.25
CA LYS A 505 -13.09 1.94 38.80
C LYS A 505 -14.48 1.34 39.07
N VAL A 506 -14.49 0.02 39.18
CA VAL A 506 -15.71 -0.78 39.29
C VAL A 506 -15.72 -1.52 40.62
N LYS A 507 -16.91 -1.82 41.13
CA LYS A 507 -17.05 -2.45 42.44
C LYS A 507 -18.20 -3.46 42.47
N TYR A 508 -17.83 -4.74 42.64
CA TYR A 508 -18.79 -5.81 42.90
C TYR A 508 -18.52 -6.30 44.32
N GLY A 509 -19.20 -5.71 45.30
CA GLY A 509 -18.93 -6.00 46.70
C GLY A 509 -17.58 -5.44 47.14
N GLU A 510 -16.64 -6.31 47.45
CA GLU A 510 -15.31 -5.90 47.87
C GLU A 510 -14.25 -6.12 46.77
N VAL A 511 -14.67 -6.61 45.61
CA VAL A 511 -13.76 -6.82 44.48
C VAL A 511 -13.80 -5.58 43.59
N THR A 512 -12.62 -5.05 43.25
CA THR A 512 -12.53 -3.87 42.37
C THR A 512 -11.33 -3.95 41.43
N LYS A 513 -11.36 -3.10 40.40
CA LYS A 513 -10.23 -2.88 39.51
C LYS A 513 -10.35 -1.45 39.00
N THR A 514 -9.21 -0.77 38.87
CA THR A 514 -9.19 0.63 38.47
C THR A 514 -8.44 0.81 37.16
N ILE A 515 -9.02 1.60 36.26
CA ILE A 515 -8.47 1.83 34.93
C ILE A 515 -8.37 3.34 34.67
N PRO A 516 -7.28 3.78 34.02
CA PRO A 516 -7.22 5.15 33.50
C PRO A 516 -7.80 5.27 32.09
N VAL A 517 -8.62 6.30 31.87
CA VAL A 517 -9.09 6.65 30.51
C VAL A 517 -8.76 8.13 30.24
N THR A 518 -7.77 8.34 29.37
CA THR A 518 -7.34 9.69 29.02
C THR A 518 -8.34 10.29 28.03
N VAL A 519 -8.70 11.55 28.25
CA VAL A 519 -9.58 12.30 27.34
C VAL A 519 -8.79 13.48 26.76
N LYS A 520 -8.83 13.62 25.44
CA LYS A 520 -7.93 14.52 24.73
C LYS A 520 -8.62 15.80 24.26
N ALA A 521 -7.79 16.78 23.88
CA ALA A 521 -8.28 18.09 23.42
C ALA A 521 -9.06 17.96 22.12
N ASN A 522 -10.05 18.83 21.95
CA ASN A 522 -10.91 18.80 20.77
C ASN A 522 -10.10 19.03 19.49
N PRO A 523 -10.60 18.54 18.35
CA PRO A 523 -9.93 18.90 17.09
C PRO A 523 -10.12 20.38 16.77
N VAL A 524 -9.03 21.12 16.63
CA VAL A 524 -9.08 22.53 16.24
C VAL A 524 -8.22 22.74 14.98
N LEU A 525 -8.50 23.81 14.25
CA LEU A 525 -7.84 24.10 12.98
C LEU A 525 -6.39 24.56 13.14
N GLU A 526 -5.45 23.68 12.82
CA GLU A 526 -4.01 23.96 12.99
C GLU A 526 -3.32 24.36 11.68
N THR A 527 -3.50 23.56 10.63
CA THR A 527 -2.75 23.75 9.37
C THR A 527 -3.65 23.93 8.14
N ILE A 528 -3.22 24.82 7.25
CA ILE A 528 -3.80 24.96 5.92
C ILE A 528 -2.71 24.62 4.89
N ALA A 529 -2.77 23.40 4.37
CA ALA A 529 -1.84 22.95 3.34
C ALA A 529 -2.34 23.39 1.97
N VAL A 530 -1.41 23.77 1.11
CA VAL A 530 -1.75 24.23 -0.22
C VAL A 530 -1.00 23.39 -1.25
N ASP A 531 -1.72 22.98 -2.29
CA ASP A 531 -1.19 22.12 -3.35
C ASP A 531 -0.14 22.85 -4.19
N SER A 532 -0.43 24.11 -4.51
CA SER A 532 0.46 24.92 -5.36
C SER A 532 1.39 25.82 -4.54
N THR A 533 2.66 25.84 -4.93
CA THR A 533 3.63 26.81 -4.42
C THR A 533 3.41 28.21 -5.02
N GLY A 534 2.88 28.26 -6.24
CA GLY A 534 2.60 29.53 -6.94
C GLY A 534 2.01 29.32 -8.33
N VAL A 535 1.00 30.11 -8.68
CA VAL A 535 0.22 29.89 -9.89
C VAL A 535 0.63 30.80 -11.05
N SER A 536 0.79 30.21 -12.23
CA SER A 536 1.00 30.98 -13.47
C SER A 536 -0.11 30.65 -14.48
N VAL A 537 -1.12 31.50 -14.54
CA VAL A 537 -2.23 31.34 -15.48
C VAL A 537 -1.89 32.12 -16.74
N ALA A 538 -2.79 32.09 -17.72
CA ALA A 538 -2.74 33.00 -18.85
C ALA A 538 -3.97 33.90 -18.82
N LYS A 539 -3.87 35.08 -19.42
CA LYS A 539 -5.06 35.94 -19.58
C LYS A 539 -6.19 35.12 -20.22
N GLY A 540 -7.42 35.33 -19.74
CA GLY A 540 -8.59 34.63 -20.28
C GLY A 540 -8.59 33.11 -20.13
N GLN A 541 -7.80 32.62 -19.19
CA GLN A 541 -7.70 31.20 -18.91
C GLN A 541 -7.96 30.97 -17.43
N LYS A 542 -7.83 29.74 -16.96
CA LYS A 542 -8.01 29.45 -15.54
C LYS A 542 -6.99 28.42 -15.04
N ALA A 543 -6.74 28.44 -13.73
CA ALA A 543 -5.80 27.53 -13.09
C ALA A 543 -6.41 26.90 -11.86
N THR A 544 -5.77 25.85 -11.35
CA THR A 544 -6.32 25.08 -10.23
C THR A 544 -5.24 24.64 -9.24
N PHE A 545 -5.56 24.78 -7.97
CA PHE A 545 -4.79 24.18 -6.90
C PHE A 545 -5.72 23.83 -5.74
N LYS A 546 -5.37 22.78 -5.00
CA LYS A 546 -6.18 22.29 -3.89
C LYS A 546 -5.71 22.82 -2.54
N VAL A 547 -6.67 22.98 -1.63
CA VAL A 547 -6.39 23.35 -0.25
C VAL A 547 -6.95 22.26 0.65
N THR A 548 -6.10 21.68 1.50
CA THR A 548 -6.56 20.72 2.51
C THR A 548 -6.30 21.25 3.91
N LEU A 549 -7.25 21.04 4.82
CA LEU A 549 -7.16 21.50 6.20
C LEU A 549 -6.80 20.34 7.13
N LYS A 550 -6.05 20.65 8.19
CA LYS A 550 -5.60 19.64 9.15
C LYS A 550 -5.78 20.13 10.59
N ASP A 551 -6.01 19.20 11.52
CA ASP A 551 -6.06 19.52 12.95
C ASP A 551 -4.69 19.26 13.59
N GLN A 552 -4.56 19.52 14.89
CA GLN A 552 -3.27 19.43 15.59
C GLN A 552 -2.68 18.01 15.64
N TYR A 553 -3.54 17.00 15.52
CA TYR A 553 -3.09 15.61 15.48
C TYR A 553 -2.62 15.21 14.08
N GLY A 554 -3.17 15.89 13.07
CA GLY A 554 -2.81 15.64 11.66
C GLY A 554 -3.89 14.89 10.92
N ASN A 555 -5.15 15.25 11.14
CA ASN A 555 -6.29 14.58 10.53
C ASN A 555 -7.24 15.55 9.85
N LYS A 556 -7.92 15.06 8.82
CA LYS A 556 -8.83 15.87 8.01
C LYS A 556 -9.84 16.64 8.87
N PHE A 557 -9.60 17.94 9.01
CA PHE A 557 -10.48 18.82 9.77
C PHE A 557 -11.55 19.42 8.84
N THR A 558 -12.80 19.41 9.28
CA THR A 558 -13.91 20.01 8.55
C THR A 558 -14.07 21.46 8.96
N GLY A 559 -14.18 22.35 8.00
CA GLY A 559 -14.32 23.78 8.29
C GLY A 559 -14.65 24.64 7.09
N ASN A 560 -14.70 25.95 7.34
CA ASN A 560 -15.04 26.95 6.31
C ASN A 560 -13.82 27.66 5.75
N VAL A 561 -13.99 28.20 4.54
CA VAL A 561 -12.92 28.88 3.82
C VAL A 561 -13.48 30.00 2.95
N ASN A 562 -13.08 31.24 3.23
CA ASN A 562 -13.27 32.33 2.28
C ASN A 562 -11.93 32.61 1.58
N VAL A 563 -12.02 33.08 0.34
CA VAL A 563 -10.84 33.27 -0.51
C VAL A 563 -10.97 34.55 -1.33
N THR A 564 -9.88 35.31 -1.41
CA THR A 564 -9.89 36.62 -2.06
C THR A 564 -8.55 36.95 -2.71
N SER A 565 -8.60 37.71 -3.79
CA SER A 565 -7.44 38.26 -4.47
C SER A 565 -7.30 39.74 -4.12
N ASP A 566 -6.08 40.24 -4.08
CA ASP A 566 -5.86 41.67 -3.79
C ASP A 566 -6.61 42.52 -4.81
N LYS A 567 -6.25 42.35 -6.08
CA LYS A 567 -6.80 43.14 -7.18
C LYS A 567 -7.71 42.28 -8.06
N THR A 568 -8.99 42.64 -8.11
CA THR A 568 -9.98 41.93 -8.91
C THR A 568 -9.76 42.05 -10.43
N GLU A 569 -9.06 43.11 -10.87
CA GLU A 569 -8.81 43.36 -12.29
C GLU A 569 -7.73 42.46 -12.89
N THR A 570 -6.60 42.30 -12.20
CA THR A 570 -5.53 41.41 -12.70
C THR A 570 -5.88 39.92 -12.63
N ALA A 571 -6.77 39.54 -11.70
CA ALA A 571 -7.18 38.13 -11.52
C ALA A 571 -8.35 37.97 -10.53
N THR A 572 -9.48 37.45 -11.01
CA THR A 572 -10.58 37.05 -10.12
C THR A 572 -10.41 35.59 -9.69
N VAL A 573 -11.21 35.17 -8.70
CA VAL A 573 -11.02 33.87 -8.03
C VAL A 573 -12.32 33.33 -7.43
N SER A 574 -12.42 32.02 -7.31
CA SER A 574 -13.54 31.36 -6.62
C SER A 574 -13.10 30.06 -5.97
N VAL A 575 -14.02 29.41 -5.25
CA VAL A 575 -13.71 28.16 -4.53
C VAL A 575 -14.84 27.14 -4.65
N SER A 576 -14.50 25.86 -4.61
CA SER A 576 -15.48 24.78 -4.79
C SER A 576 -16.42 24.64 -3.60
N ASN A 577 -17.58 24.02 -3.85
CA ASN A 577 -18.59 23.74 -2.82
C ASN A 577 -19.00 24.95 -1.99
N SER A 578 -19.17 26.09 -2.65
CA SER A 578 -19.59 27.35 -2.01
C SER A 578 -18.67 27.89 -0.90
N GLY A 579 -17.58 27.17 -0.59
CA GLY A 579 -16.65 27.56 0.47
C GLY A 579 -16.96 26.96 1.85
N ILE A 580 -17.83 25.95 1.88
CA ILE A 580 -18.25 25.30 3.12
C ILE A 580 -18.34 23.78 2.95
N GLY A 581 -18.24 23.05 4.05
CA GLY A 581 -18.47 21.60 4.06
C GLY A 581 -17.22 20.77 4.25
N GLN A 582 -16.42 20.63 3.19
CA GLN A 582 -15.37 19.61 3.15
C GLN A 582 -14.13 19.99 3.95
N SER A 583 -13.21 19.03 4.06
CA SER A 583 -11.89 19.26 4.62
C SER A 583 -10.88 19.57 3.52
N GLU A 584 -11.36 19.70 2.28
CA GLU A 584 -10.49 19.88 1.12
C GLU A 584 -11.25 20.45 -0.09
N TYR A 585 -10.92 21.69 -0.45
CA TYR A 585 -11.54 22.37 -1.59
C TYR A 585 -10.58 22.46 -2.77
N THR A 586 -11.07 22.98 -3.89
CA THR A 586 -10.24 23.29 -5.06
C THR A 586 -10.46 24.75 -5.44
N VAL A 587 -9.39 25.52 -5.50
CA VAL A 587 -9.47 26.93 -5.85
C VAL A 587 -9.33 27.07 -7.37
N THR A 588 -10.02 28.07 -7.93
CA THR A 588 -10.00 28.33 -9.35
C THR A 588 -9.58 29.78 -9.57
N VAL A 589 -8.47 29.99 -10.25
CA VAL A 589 -7.96 31.32 -10.54
C VAL A 589 -8.19 31.67 -12.00
N ASN A 590 -9.05 32.66 -12.25
CA ASN A 590 -9.24 33.20 -13.60
C ASN A 590 -8.28 34.37 -13.85
N GLY A 591 -7.68 34.40 -15.04
CA GLY A 591 -6.86 35.53 -15.45
C GLY A 591 -7.70 36.51 -16.25
N VAL A 592 -7.43 37.80 -16.10
CA VAL A 592 -8.20 38.85 -16.80
C VAL A 592 -7.33 39.97 -17.41
N ALA A 593 -6.15 40.24 -16.83
CA ALA A 593 -5.26 41.27 -17.37
C ALA A 593 -3.83 41.05 -16.88
N GLU A 594 -2.86 41.17 -17.78
CA GLU A 594 -1.45 40.89 -17.47
C GLU A 594 -0.96 41.60 -16.21
N GLY A 595 0.01 40.98 -15.55
CA GLY A 595 0.69 41.58 -14.42
C GLY A 595 0.86 40.62 -13.27
N SER A 596 0.48 41.06 -12.08
CA SER A 596 0.60 40.26 -10.86
C SER A 596 -0.42 40.68 -9.81
N THR A 597 -0.50 39.86 -8.77
CA THR A 597 -1.30 40.11 -7.57
C THR A 597 -0.98 38.97 -6.60
N THR A 598 -1.78 38.80 -5.56
CA THR A 598 -1.64 37.63 -4.69
C THR A 598 -3.00 37.18 -4.13
N ILE A 599 -3.07 35.89 -3.80
CA ILE A 599 -4.31 35.25 -3.37
C ILE A 599 -4.23 34.92 -1.87
N THR A 600 -5.32 35.15 -1.14
CA THR A 600 -5.38 34.87 0.30
C THR A 600 -6.44 33.82 0.61
N ILE A 601 -6.00 32.75 1.27
CA ILE A 601 -6.90 31.73 1.79
C ILE A 601 -6.99 31.92 3.30
N LYS A 602 -8.13 32.41 3.76
CA LYS A 602 -8.39 32.58 5.20
C LYS A 602 -9.25 31.43 5.71
N SER A 603 -9.09 31.12 6.99
CA SER A 603 -9.94 30.13 7.67
C SER A 603 -9.94 30.37 9.19
N GLY A 604 -10.92 31.14 9.65
CA GLY A 604 -11.10 31.44 11.07
C GLY A 604 -10.01 32.32 11.66
N THR A 605 -9.00 31.69 12.26
CA THR A 605 -7.88 32.40 12.89
C THR A 605 -6.65 32.43 11.98
N LYS A 606 -6.35 31.30 11.35
CA LYS A 606 -5.12 31.12 10.58
C LYS A 606 -5.38 31.29 9.08
N GLU A 607 -4.30 31.49 8.31
CA GLU A 607 -4.40 31.99 6.94
C GLU A 607 -3.13 31.77 6.13
N VAL A 608 -3.29 31.41 4.86
CA VAL A 608 -2.18 31.27 3.90
C VAL A 608 -2.48 32.10 2.66
N LYS A 609 -1.43 32.68 2.09
CA LYS A 609 -1.55 33.47 0.88
C LYS A 609 -0.54 32.98 -0.16
N VAL A 610 -0.90 33.12 -1.44
CA VAL A 610 -0.13 32.50 -2.53
C VAL A 610 -0.05 33.40 -3.79
N PRO A 611 1.11 33.39 -4.46
CA PRO A 611 1.36 34.28 -5.61
C PRO A 611 0.62 33.90 -6.90
N VAL A 612 0.04 34.90 -7.56
CA VAL A 612 -0.64 34.74 -8.83
C VAL A 612 -0.07 35.77 -9.80
N ASN A 613 0.45 35.30 -10.94
CA ASN A 613 0.85 36.20 -12.03
C ASN A 613 0.22 35.72 -13.34
N VAL A 614 -0.59 36.57 -13.96
CA VAL A 614 -1.22 36.21 -15.23
C VAL A 614 -0.37 36.75 -16.38
N VAL A 615 -0.06 35.86 -17.32
CA VAL A 615 0.74 36.22 -18.50
C VAL A 615 -0.21 36.54 -19.66
N ALA A 616 0.26 37.38 -20.58
CA ALA A 616 -0.46 37.65 -21.82
C ALA A 616 -0.25 36.45 -22.73
N GLY A 617 -1.35 35.93 -23.27
CA GLY A 617 -1.31 34.74 -24.11
C GLY A 617 -0.60 35.03 -25.43
N GLY A 618 0.36 34.17 -25.77
CA GLY A 618 0.96 34.19 -27.10
C GLY A 618 0.05 33.46 -28.08
N PRO A 619 0.40 33.49 -29.39
CA PRO A 619 -0.33 32.66 -30.35
C PRO A 619 -0.03 31.17 -30.16
N VAL A 620 -0.82 30.32 -30.81
CA VAL A 620 -0.68 28.87 -30.67
C VAL A 620 0.57 28.40 -31.40
N ALA A 621 1.52 27.85 -30.65
CA ALA A 621 2.76 27.33 -31.22
C ALA A 621 2.86 25.81 -31.09
N ASN A 622 1.92 25.18 -30.41
CA ASN A 622 1.98 23.73 -30.21
C ASN A 622 0.68 23.15 -29.68
N TYR A 623 0.55 21.83 -29.79
CA TYR A 623 -0.57 21.10 -29.20
C TYR A 623 -0.07 19.96 -28.33
N GLN A 624 -0.38 20.02 -27.03
CA GLN A 624 -0.02 18.95 -26.11
C GLN A 624 -1.18 17.96 -26.03
N ILE A 625 -0.85 16.68 -25.96
CA ILE A 625 -1.82 15.66 -25.59
C ILE A 625 -1.52 15.23 -24.16
N LYS A 626 -2.53 15.27 -23.29
CA LYS A 626 -2.32 15.04 -21.86
C LYS A 626 -3.31 14.04 -21.26
N VAL A 627 -2.84 13.31 -20.23
CA VAL A 627 -3.57 12.17 -19.63
C VAL A 627 -4.24 12.44 -18.26
N LEU A 628 -3.86 13.53 -17.59
CA LEU A 628 -4.51 13.95 -16.33
C LEU A 628 -4.22 13.00 -15.15
N VAL A 646 -8.97 6.06 -17.73
CA VAL A 646 -8.13 7.23 -18.01
C VAL A 646 -8.83 8.19 -18.97
N GLN A 647 -8.67 9.48 -18.73
CA GLN A 647 -9.39 10.52 -19.46
C GLN A 647 -8.41 11.49 -20.13
N LEU A 648 -8.69 11.83 -21.39
CA LEU A 648 -7.72 12.45 -22.27
C LEU A 648 -8.08 13.88 -22.68
N LYS A 649 -7.04 14.68 -22.92
CA LYS A 649 -7.21 16.07 -23.35
C LYS A 649 -6.12 16.54 -24.31
N VAL A 650 -6.45 17.55 -25.11
CA VAL A 650 -5.51 18.14 -26.06
C VAL A 650 -5.47 19.66 -25.90
N TYR A 651 -4.43 20.17 -25.25
CA TYR A 651 -4.31 21.59 -24.99
C TYR A 651 -3.56 22.31 -26.12
N ALA A 652 -3.96 23.54 -26.39
CA ALA A 652 -3.17 24.43 -27.24
C ALA A 652 -2.24 25.20 -26.33
N VAL A 653 -1.04 25.47 -26.81
CA VAL A 653 0.06 25.92 -25.97
C VAL A 653 0.98 26.85 -26.73
N ASP A 654 1.27 28.03 -26.18
CA ASP A 654 2.11 29.02 -26.86
C ASP A 654 3.60 28.69 -26.73
N ALA A 655 4.45 29.60 -27.21
CA ALA A 655 5.91 29.39 -27.25
C ALA A 655 6.56 29.08 -25.90
N ASN A 656 5.94 29.52 -24.81
CA ASN A 656 6.51 29.39 -23.47
C ASN A 656 6.06 28.16 -22.67
N GLY A 657 5.12 27.39 -23.22
CA GLY A 657 4.56 26.25 -22.51
C GLY A 657 3.26 26.59 -21.78
N ASN A 658 2.83 27.85 -21.89
CA ASN A 658 1.61 28.31 -21.23
C ASN A 658 0.37 27.88 -22.00
N ILE A 659 -0.59 27.34 -21.28
CA ILE A 659 -1.82 26.82 -21.88
C ILE A 659 -2.74 27.97 -22.28
N VAL A 660 -2.86 28.22 -23.58
CA VAL A 660 -3.83 29.16 -24.12
C VAL A 660 -4.65 28.42 -25.16
N GLY A 661 -5.96 28.33 -24.93
CA GLY A 661 -6.86 27.55 -25.80
C GLY A 661 -6.87 26.05 -25.53
N ASP A 662 -7.92 25.39 -26.00
CA ASP A 662 -8.08 23.95 -25.81
C ASP A 662 -9.00 23.41 -26.91
N ILE A 663 -8.58 22.32 -27.53
CA ILE A 663 -9.23 21.79 -28.74
C ILE A 663 -9.54 20.31 -28.65
N THR A 664 -9.89 19.83 -27.46
CA THR A 664 -10.19 18.40 -27.27
C THR A 664 -11.42 17.96 -28.08
N ASN A 665 -12.29 18.92 -28.39
CA ASN A 665 -13.56 18.64 -29.04
C ASN A 665 -13.50 18.46 -30.56
N ASP A 666 -12.51 19.06 -31.22
CA ASP A 666 -12.36 18.96 -32.68
C ASP A 666 -11.57 17.69 -33.05
N VAL A 667 -10.73 17.28 -32.12
CA VAL A 667 -9.81 16.17 -32.34
C VAL A 667 -10.56 14.85 -32.37
N THR A 668 -10.03 13.88 -33.13
CA THR A 668 -10.64 12.54 -33.23
C THR A 668 -9.64 11.41 -32.92
N ILE A 669 -10.02 10.53 -32.00
CA ILE A 669 -9.20 9.35 -31.66
C ILE A 669 -9.56 8.17 -32.57
N THR A 670 -8.54 7.43 -32.98
CA THR A 670 -8.70 6.19 -33.77
C THR A 670 -7.65 5.17 -33.33
N SER A 671 -7.66 3.99 -33.95
CA SER A 671 -6.72 2.92 -33.60
C SER A 671 -6.08 2.31 -34.84
N GLU A 672 -4.86 1.76 -34.68
CA GLU A 672 -4.18 1.07 -35.78
C GLU A 672 -4.98 -0.16 -36.24
N GLY A 678 -8.80 -7.46 -32.56
CA GLY A 678 -7.80 -7.18 -31.54
C GLY A 678 -7.80 -5.74 -30.99
N VAL A 679 -9.00 -5.18 -30.83
CA VAL A 679 -9.17 -3.82 -30.26
C VAL A 679 -9.45 -3.91 -28.75
N ILE A 680 -8.46 -3.56 -27.95
CA ILE A 680 -8.57 -3.69 -26.49
C ILE A 680 -9.47 -2.60 -25.90
N VAL A 681 -9.56 -1.44 -26.55
CA VAL A 681 -10.20 -0.25 -25.96
C VAL A 681 -11.23 0.43 -26.87
N ASN A 682 -12.32 0.91 -26.26
CA ASN A 682 -13.28 1.83 -26.89
C ASN A 682 -13.07 3.22 -26.29
N ALA A 683 -13.28 4.26 -27.10
CA ALA A 683 -13.11 5.63 -26.65
C ALA A 683 -14.03 6.59 -27.40
N SER A 684 -14.58 7.57 -26.69
CA SER A 684 -15.40 8.62 -27.32
C SER A 684 -15.46 9.92 -26.50
N LYS A 685 -15.92 10.96 -27.18
CA LYS A 685 -16.05 12.30 -26.63
C LYS A 685 -17.03 12.30 -25.45
N SER A 686 -16.77 13.12 -24.44
CA SER A 686 -17.61 13.19 -23.24
C SER A 686 -17.70 14.62 -22.66
N THR A 687 -18.66 15.38 -23.19
CA THR A 687 -18.86 16.77 -22.79
C THR A 687 -19.53 16.87 -21.42
N ALA A 688 -19.01 17.77 -20.58
CA ALA A 688 -19.61 18.07 -19.27
C ALA A 688 -19.58 19.58 -19.03
N ASN A 689 -20.74 20.22 -19.18
CA ASN A 689 -20.93 21.68 -19.00
C ASN A 689 -20.14 22.58 -19.97
N GLY A 690 -19.83 22.06 -21.15
CA GLY A 690 -19.05 22.79 -22.16
C GLY A 690 -17.61 22.28 -22.26
N ASP A 691 -17.03 21.94 -21.11
CA ASP A 691 -15.66 21.39 -21.05
C ASP A 691 -15.62 19.93 -21.54
N THR A 692 -15.00 19.72 -22.71
CA THR A 692 -14.99 18.40 -23.37
C THR A 692 -13.79 17.55 -22.93
N VAL A 693 -14.00 16.24 -22.81
CA VAL A 693 -12.94 15.31 -22.43
C VAL A 693 -13.13 13.97 -23.15
N TYR A 694 -12.02 13.33 -23.52
CA TYR A 694 -12.06 11.98 -24.10
C TYR A 694 -11.93 10.93 -23.00
N VAL A 695 -12.49 9.74 -23.23
CA VAL A 695 -12.54 8.69 -22.20
C VAL A 695 -12.14 7.32 -22.76
N ILE A 696 -11.51 6.51 -21.91
CA ILE A 696 -11.06 5.14 -22.27
C ILE A 696 -11.96 4.05 -21.65
N THR A 697 -12.23 3.00 -22.43
CA THR A 697 -13.03 1.85 -21.99
C THR A 697 -12.24 0.54 -22.14
N ASP A 698 -12.92 -0.59 -22.31
CA ASP A 698 -12.26 -1.88 -22.62
C ASP A 698 -13.14 -2.80 -23.50
N ASN A 699 -12.62 -4.00 -23.81
CA ASN A 699 -13.26 -4.94 -24.74
C ASN A 699 -14.73 -5.27 -24.45
N GLU A 707 -3.02 -1.99 -27.41
CA GLU A 707 -3.04 -1.24 -28.66
C GLU A 707 -2.48 0.18 -28.47
N THR A 708 -2.36 0.91 -29.58
CA THR A 708 -1.93 2.31 -29.57
C THR A 708 -2.94 3.17 -30.34
N LEU A 709 -3.31 4.30 -29.75
CA LEU A 709 -4.30 5.20 -30.35
C LEU A 709 -3.65 6.37 -31.06
N THR A 710 -4.31 6.85 -32.11
CA THR A 710 -3.81 7.94 -32.94
C THR A 710 -4.74 9.15 -32.84
N VAL A 711 -4.17 10.29 -32.46
CA VAL A 711 -4.92 11.51 -32.21
C VAL A 711 -4.76 12.44 -33.40
N LYS A 712 -5.87 12.76 -34.08
CA LYS A 712 -5.81 13.56 -35.31
C LYS A 712 -6.71 14.78 -35.25
N LEU A 713 -6.26 15.86 -35.89
CA LEU A 713 -7.06 17.06 -36.10
C LEU A 713 -7.19 17.25 -37.60
N GLY A 714 -8.37 16.99 -38.15
CA GLY A 714 -8.50 16.83 -39.58
C GLY A 714 -7.67 15.63 -39.99
N THR A 715 -6.85 15.80 -41.02
CA THR A 715 -5.98 14.72 -41.49
C THR A 715 -4.56 14.78 -40.89
N VAL A 716 -4.29 15.83 -40.10
CA VAL A 716 -3.01 15.95 -39.40
C VAL A 716 -3.00 15.06 -38.16
N THR A 717 -1.86 14.42 -37.93
CA THR A 717 -1.64 13.59 -36.73
C THR A 717 -0.93 14.42 -35.67
N LEU A 718 -1.59 14.61 -34.52
CA LEU A 718 -1.01 15.36 -33.41
C LEU A 718 -0.15 14.51 -32.48
N GLY A 719 -0.21 13.19 -32.64
CA GLY A 719 0.55 12.28 -31.79
C GLY A 719 -0.20 11.00 -31.49
N THR A 720 0.50 10.05 -30.89
CA THR A 720 -0.08 8.75 -30.56
C THR A 720 -0.07 8.52 -29.05
N VAL A 721 -0.87 7.54 -28.61
CA VAL A 721 -0.90 7.12 -27.21
C VAL A 721 -0.73 5.60 -27.13
N ASP A 722 0.01 5.15 -26.12
CA ASP A 722 0.18 3.71 -25.83
C ASP A 722 -0.70 3.37 -24.65
N VAL A 723 -1.54 2.35 -24.81
CA VAL A 723 -2.41 1.87 -23.71
C VAL A 723 -2.15 0.39 -23.44
N GLU A 724 -2.25 0.00 -22.17
CA GLU A 724 -1.86 -1.35 -21.72
C GLU A 724 -2.84 -1.93 -20.69
N VAL A 725 -2.82 -3.26 -20.57
CA VAL A 725 -3.57 -4.00 -19.55
C VAL A 725 -2.69 -5.08 -18.92
N LEU A 730 -6.31 0.89 -18.87
CA LEU A 730 -5.85 0.83 -17.48
C LEU A 730 -4.79 1.91 -17.24
N LYS A 731 -3.68 1.84 -17.98
CA LYS A 731 -2.62 2.86 -17.91
C LYS A 731 -2.20 3.34 -19.30
N ALA A 732 -2.04 4.66 -19.43
CA ALA A 732 -1.78 5.32 -20.71
C ALA A 732 -0.67 6.38 -20.63
N THR A 733 0.33 6.25 -21.49
CA THR A 733 1.42 7.21 -21.59
C THR A 733 1.49 7.77 -23.02
N VAL A 734 1.72 9.08 -23.13
CA VAL A 734 1.73 9.77 -24.41
C VAL A 734 3.11 9.60 -25.06
N VAL A 735 3.13 9.00 -26.25
CA VAL A 735 4.38 8.70 -26.97
C VAL A 735 5.23 9.96 -27.19
N THR A 736 6.55 9.78 -27.21
CA THR A 736 7.49 10.88 -27.49
C THR A 736 8.23 10.61 -28.82
N LYS A 737 8.26 11.62 -29.69
CA LYS A 737 8.75 11.45 -31.06
C LYS A 737 10.28 11.33 -31.10
N LYS A 738 10.77 10.26 -31.74
CA LYS A 738 12.21 10.00 -31.86
C LYS A 738 12.92 11.13 -32.60
N ALA A 739 13.74 11.87 -31.87
CA ALA A 739 14.48 13.00 -32.44
C ALA A 739 16.00 12.73 -32.42
N ASP A 740 16.39 11.62 -33.04
CA ASP A 740 17.82 11.26 -33.19
C ASP A 740 18.21 11.30 -34.65
N LEU A 741 19.30 12.01 -34.96
CA LEU A 741 19.83 12.07 -36.33
C LEU A 741 20.34 10.71 -36.78
N ILE A 742 20.93 9.97 -35.84
CA ILE A 742 21.51 8.67 -36.13
C ILE A 742 20.69 7.64 -35.37
N GLU A 743 19.79 6.98 -36.07
CA GLU A 743 19.00 5.88 -35.49
C GLU A 743 19.91 4.76 -35.00
N LEU A 744 19.48 4.06 -33.96
CA LEU A 744 20.27 2.99 -33.34
C LEU A 744 19.89 1.63 -33.93
#